data_7AQ7
#
_entry.id   7AQ7
#
_cell.length_a   68.734
_cell.length_b   76.071
_cell.length_c   108.467
_cell.angle_alpha   90.000
_cell.angle_beta   93.490
_cell.angle_gamma   90.000
#
_symmetry.space_group_name_H-M   'P 1 21 1'
#
loop_
_entity.id
_entity.type
_entity.pdbx_description
1 polymer 'Nitrous-oxide reductase'
2 non-polymer 2-[3-(2-HYDROXY-1,1-DIHYDROXYMETHYL-ETHYLAMINO)-PROPYLAMINO]-2-HYDROXYMETHYL-PROPANE-1,3-DIOL
3 non-polymer 'SODIUM ION'
4 non-polymer 'CALCIUM ION'
5 non-polymer 'POTASSIUM ION'
6 non-polymer 'FORMIC ACID'
7 non-polymer 'CHLORIDE ION'
8 non-polymer '(MU-4-SULFIDO)-TETRA-NUCLEAR COPPER ION'
9 non-polymer 'DINUCLEAR COPPER ION'
10 non-polymer 2-AMINO-2-HYDROXYMETHYL-PROPANE-1,3-DIOL
11 water water
#
_entity_poly.entity_id   1
_entity_poly.type   'polypeptide(L)'
_entity_poly.pdbx_seq_one_letter_code
;MSDKDSKNTPQVPEKLGLSRRGFLGASAVTGAAVAATALGGAVMTRESWAQAVKESKQKIHVGPGELDDYYGFWSGGHQG
EVRVLGVPSMRELMRIPVFNVDSATGWGLTNESRHIMGDSAKFLNGDCHHPHISMTDGKYDGKYLFINDKANSRVARIRL
DIMKCDKMITVPNVQAIHGLRLQKVPHTKYVFANAEFIIPHPNDGKVFDLQDENSYTMYNAIDAETMEMAFQVIVDGNLD
NTDADYTGRFAAATCYNSEKAFDLGGMMRNERDWVVVFDIHAVEAAVKAGDFITLGDSKTPVLDGRKKDGKDSKFTRYVP
VPKNPHGCNTSSDGKYFIAAGKLSPTCSMIAIDKLPDLFAGKLADPRDVIVGEPELGLGPLHTTFDGRGNAYTTLFIDSQ
VVKWNMEEAVRAYKGEKVNYIKQKLDVHYQPGHLHASLCETNEADGKWLVALSKFSKDRFLPVGPLHPENDQLIDISGDE
MKLVHDGPTFAEPHDCIMARRDQIKTKKIWDRNDPFFAPTVEMAKKDGINLDTDNKVIRDGNKVRVYMTSMAPAFGVQEF
TVKQGDEVTVTITNIDQIEDVSYGFVVVNHGVSMEISPQQTSSITFVADKPGLHWYYCSWFCHALHMEMVGRMMVEPAWS
HPQFEK
;
_entity_poly.pdbx_strand_id   A,B
#
loop_
_chem_comp.id
_chem_comp.type
_chem_comp.name
_chem_comp.formula
B3P non-polymer 2-[3-(2-HYDROXY-1,1-DIHYDROXYMETHYL-ETHYLAMINO)-PROPYLAMINO]-2-HYDROXYMETHYL-PROPANE-1,3-DIOL 'C11 H26 N2 O6'
CA non-polymer 'CALCIUM ION' 'Ca 2'
CL non-polymer 'CHLORIDE ION' 'Cl -1'
CUA non-polymer 'DINUCLEAR COPPER ION' Cu2
CUZ non-polymer '(MU-4-SULFIDO)-TETRA-NUCLEAR COPPER ION' 'Cu4 S'
FMT non-polymer 'FORMIC ACID' 'C H2 O2'
K non-polymer 'POTASSIUM ION' 'K 1'
NA non-polymer 'SODIUM ION' 'Na 1'
TRS non-polymer 2-AMINO-2-HYDROXYMETHYL-PROPANE-1,3-DIOL 'C4 H12 N O3 1'
#
# COMPACT_ATOMS: atom_id res chain seq x y z
N VAL A 53 6.95 -44.19 3.55
CA VAL A 53 7.83 -43.01 3.54
C VAL A 53 7.63 -42.11 2.32
N LYS A 54 7.23 -40.85 2.55
CA LYS A 54 7.15 -39.84 1.49
C LYS A 54 7.75 -38.54 2.00
N GLU A 55 8.72 -37.99 1.27
CA GLU A 55 9.45 -36.83 1.76
C GLU A 55 8.90 -35.55 1.13
N SER A 56 9.13 -34.43 1.84
CA SER A 56 8.69 -33.11 1.40
C SER A 56 9.80 -32.45 0.60
N LYS A 57 9.62 -32.39 -0.73
CA LYS A 57 10.70 -31.99 -1.63
C LYS A 57 10.17 -31.23 -2.84
N GLN A 58 9.10 -30.46 -2.65
CA GLN A 58 8.52 -29.64 -3.70
C GLN A 58 9.45 -28.50 -4.10
N LYS A 59 9.42 -28.15 -5.38
CA LYS A 59 10.21 -27.03 -5.90
C LYS A 59 9.66 -25.70 -5.42
N ILE A 60 10.54 -24.77 -5.06
CA ILE A 60 10.14 -23.48 -4.54
C ILE A 60 10.50 -22.34 -5.46
N HIS A 61 11.47 -22.52 -6.35
CA HIS A 61 11.94 -21.47 -7.25
C HIS A 61 10.99 -21.37 -8.44
N VAL A 62 10.54 -20.15 -8.75
CA VAL A 62 9.80 -19.87 -9.99
C VAL A 62 10.67 -18.91 -10.80
N GLY A 63 11.42 -19.44 -11.74
CA GLY A 63 12.36 -18.65 -12.50
C GLY A 63 11.69 -17.80 -13.56
N PRO A 64 12.46 -16.89 -14.15
CA PRO A 64 11.90 -16.00 -15.17
C PRO A 64 11.19 -16.79 -16.25
N GLY A 65 9.97 -16.36 -16.57
CA GLY A 65 9.15 -16.97 -17.58
C GLY A 65 8.34 -18.15 -17.09
N GLU A 66 8.60 -18.67 -15.89
CA GLU A 66 7.76 -19.67 -15.25
C GLU A 66 6.68 -18.97 -14.43
N LEU A 67 5.56 -19.68 -14.20
CA LEU A 67 4.43 -19.11 -13.47
C LEU A 67 4.21 -19.86 -12.17
N ASP A 68 3.68 -19.14 -11.18
CA ASP A 68 3.31 -19.77 -9.91
C ASP A 68 2.21 -20.81 -10.13
N ASP A 69 2.04 -21.68 -9.12
CA ASP A 69 1.05 -22.76 -9.15
C ASP A 69 -0.25 -22.39 -8.47
N TYR A 70 -0.18 -21.55 -7.43
CA TYR A 70 -1.34 -21.14 -6.67
C TYR A 70 -1.40 -19.62 -6.60
N TYR A 71 -2.63 -19.10 -6.51
CA TYR A 71 -2.84 -17.74 -6.08
C TYR A 71 -2.83 -17.71 -4.56
N GLY A 72 -2.30 -16.64 -3.99
CA GLY A 72 -2.53 -16.44 -2.58
C GLY A 72 -3.23 -15.12 -2.42
N PHE A 73 -4.27 -15.05 -1.60
CA PHE A 73 -4.93 -13.78 -1.30
C PHE A 73 -4.65 -13.47 0.17
N TRP A 74 -3.84 -12.43 0.40
CA TRP A 74 -3.39 -12.01 1.71
C TRP A 74 -4.26 -10.85 2.20
N SER A 75 -4.65 -10.90 3.46
CA SER A 75 -5.22 -9.72 4.09
CA SER A 75 -5.21 -9.72 4.10
C SER A 75 -4.15 -8.61 4.18
N GLY A 76 -4.59 -7.37 4.08
CA GLY A 76 -3.63 -6.30 4.21
C GLY A 76 -3.44 -5.82 5.63
N GLY A 77 -4.12 -6.44 6.58
CA GLY A 77 -3.99 -6.01 7.94
C GLY A 77 -4.48 -4.59 8.14
N HIS A 78 -3.74 -3.86 9.00
CA HIS A 78 -4.07 -2.50 9.38
C HIS A 78 -3.92 -1.55 8.20
N GLN A 79 -3.35 -2.01 7.09
CA GLN A 79 -3.18 -1.15 5.92
C GLN A 79 -4.43 -1.13 5.02
N GLY A 80 -5.31 -2.12 5.12
CA GLY A 80 -6.66 -2.01 4.60
C GLY A 80 -6.92 -2.62 3.23
N GLU A 81 -5.89 -3.10 2.52
CA GLU A 81 -6.06 -3.62 1.16
C GLU A 81 -6.10 -5.15 1.18
N VAL A 82 -6.27 -5.76 0.01
CA VAL A 82 -6.06 -7.18 -0.19
C VAL A 82 -4.89 -7.33 -1.16
N ARG A 83 -4.03 -8.32 -0.94
CA ARG A 83 -2.84 -8.49 -1.76
C ARG A 83 -2.90 -9.85 -2.45
N VAL A 84 -2.55 -9.90 -3.73
CA VAL A 84 -2.56 -11.13 -4.49
C VAL A 84 -1.11 -11.56 -4.60
N LEU A 85 -0.79 -12.76 -4.10
CA LEU A 85 0.54 -13.31 -4.23
C LEU A 85 0.52 -14.51 -5.16
N GLY A 86 1.69 -14.81 -5.70
CA GLY A 86 1.97 -16.10 -6.34
C GLY A 86 2.63 -17.03 -5.34
N VAL A 87 2.16 -18.28 -5.33
CA VAL A 87 2.73 -19.34 -4.49
C VAL A 87 3.23 -20.44 -5.43
N PRO A 88 4.45 -21.00 -5.23
CA PRO A 88 5.34 -20.87 -4.07
C PRO A 88 6.37 -19.72 -4.11
N SER A 89 6.33 -18.83 -5.11
CA SER A 89 7.39 -17.80 -5.15
C SER A 89 7.19 -16.74 -4.05
N MET A 90 5.97 -16.58 -3.58
CA MET A 90 5.56 -15.63 -2.55
C MET A 90 5.75 -14.18 -2.97
N ARG A 91 5.76 -13.91 -4.28
CA ARG A 91 5.87 -12.55 -4.81
C ARG A 91 4.49 -11.93 -4.88
N GLU A 92 4.41 -10.63 -4.57
CA GLU A 92 3.14 -9.92 -4.63
C GLU A 92 2.84 -9.51 -6.07
N LEU A 93 1.76 -10.05 -6.63
CA LEU A 93 1.42 -9.81 -8.02
C LEU A 93 0.57 -8.57 -8.23
N MET A 94 -0.29 -8.23 -7.26
CA MET A 94 -1.28 -7.17 -7.38
C MET A 94 -1.70 -6.73 -5.98
N ARG A 95 -2.10 -5.46 -5.88
CA ARG A 95 -2.74 -4.93 -4.68
C ARG A 95 -4.16 -4.52 -5.07
N ILE A 96 -5.13 -4.94 -4.27
CA ILE A 96 -6.54 -4.67 -4.48
C ILE A 96 -6.98 -3.72 -3.36
N PRO A 97 -7.22 -2.46 -3.65
CA PRO A 97 -7.63 -1.53 -2.59
C PRO A 97 -9.04 -1.85 -2.09
N VAL A 98 -9.25 -1.70 -0.79
CA VAL A 98 -10.56 -2.04 -0.27
C VAL A 98 -10.98 -0.93 0.68
N PHE A 99 -10.31 -0.85 1.84
CA PHE A 99 -10.62 0.16 2.84
C PHE A 99 -9.60 1.28 2.86
N ASN A 100 -8.45 1.07 2.26
CA ASN A 100 -7.45 2.10 2.06
C ASN A 100 -7.84 3.01 0.90
N VAL A 101 -7.21 4.19 0.84
CA VAL A 101 -7.33 5.09 -0.30
C VAL A 101 -6.09 4.87 -1.15
N ASP A 102 -6.27 4.46 -2.41
CA ASP A 102 -5.12 4.13 -3.24
C ASP A 102 -4.91 5.25 -4.25
N SER A 103 -3.82 6.00 -4.05
CA SER A 103 -3.42 7.06 -4.98
C SER A 103 -3.28 6.56 -6.42
N ALA A 104 -2.84 5.32 -6.60
CA ALA A 104 -2.49 4.86 -7.94
C ALA A 104 -3.72 4.66 -8.82
N THR A 105 -4.65 3.79 -8.40
CA THR A 105 -5.88 3.56 -9.14
C THR A 105 -6.96 4.60 -8.84
N GLY A 106 -6.84 5.38 -7.77
CA GLY A 106 -7.88 6.31 -7.38
C GLY A 106 -9.00 5.72 -6.54
N TRP A 107 -8.87 4.48 -6.09
CA TRP A 107 -9.84 3.88 -5.17
C TRP A 107 -9.96 4.75 -3.93
N GLY A 108 -11.17 5.28 -3.68
CA GLY A 108 -11.39 6.23 -2.60
C GLY A 108 -11.46 7.67 -3.07
N LEU A 109 -10.98 7.94 -4.27
CA LEU A 109 -11.14 9.25 -4.91
C LEU A 109 -12.16 9.24 -6.04
N THR A 110 -12.22 8.18 -6.85
CA THR A 110 -13.10 8.13 -8.02
C THR A 110 -14.56 8.05 -7.60
N ASN A 111 -15.44 8.44 -8.51
CA ASN A 111 -16.86 8.31 -8.22
C ASN A 111 -17.27 6.85 -8.13
N GLU A 112 -16.67 5.97 -8.93
CA GLU A 112 -17.09 4.57 -8.89
C GLU A 112 -16.75 3.94 -7.54
N SER A 113 -15.57 4.23 -7.01
CA SER A 113 -15.19 3.61 -5.75
C SER A 113 -15.98 4.23 -4.61
N ARG A 114 -16.20 5.56 -4.63
CA ARG A 114 -16.94 6.14 -3.51
C ARG A 114 -18.38 5.69 -3.53
N HIS A 115 -18.95 5.43 -4.70
CA HIS A 115 -20.28 4.82 -4.78
C HIS A 115 -20.33 3.47 -4.08
N ILE A 116 -19.34 2.60 -4.33
CA ILE A 116 -19.32 1.27 -3.72
C ILE A 116 -19.16 1.39 -2.21
N MET A 117 -18.28 2.31 -1.78
CA MET A 117 -18.02 2.50 -0.36
C MET A 117 -19.19 3.18 0.36
N GLY A 118 -20.04 3.91 -0.35
CA GLY A 118 -21.17 4.53 0.34
C GLY A 118 -20.69 5.62 1.28
N ASP A 119 -21.45 5.83 2.35
CA ASP A 119 -21.09 6.85 3.32
CA ASP A 119 -21.09 6.85 3.32
C ASP A 119 -19.71 6.58 3.95
N SER A 120 -19.31 5.31 4.06
CA SER A 120 -18.01 4.99 4.63
C SER A 120 -16.82 5.44 3.77
N ALA A 121 -17.08 5.97 2.57
CA ALA A 121 -16.02 6.63 1.80
C ALA A 121 -15.33 7.74 2.57
N LYS A 122 -15.95 8.27 3.64
CA LYS A 122 -15.33 9.30 4.46
C LYS A 122 -14.16 8.75 5.29
N PHE A 123 -14.03 7.43 5.44
CA PHE A 123 -12.97 6.84 6.25
C PHE A 123 -11.80 6.53 5.33
N LEU A 124 -10.58 6.84 5.77
CA LEU A 124 -9.39 6.54 5.00
C LEU A 124 -8.67 5.29 5.49
N ASN A 125 -9.27 4.52 6.40
CA ASN A 125 -8.54 3.42 7.01
C ASN A 125 -9.43 2.19 7.08
N GLY A 126 -8.80 1.03 7.28
CA GLY A 126 -9.52 -0.21 7.52
C GLY A 126 -8.56 -1.13 8.26
N ASP A 127 -9.10 -2.22 8.76
CA ASP A 127 -8.24 -3.17 9.47
C ASP A 127 -8.74 -4.57 9.13
N CYS A 128 -8.06 -5.24 8.18
CA CYS A 128 -8.46 -6.53 7.64
C CYS A 128 -7.77 -7.69 8.34
N HIS A 129 -8.44 -8.85 8.32
CA HIS A 129 -7.87 -10.03 8.96
C HIS A 129 -8.10 -11.30 8.16
N HIS A 130 -9.30 -11.45 7.60
CA HIS A 130 -9.82 -12.77 7.24
C HIS A 130 -10.35 -12.84 5.83
N PRO A 131 -9.50 -13.09 4.87
CA PRO A 131 -9.96 -13.22 3.48
C PRO A 131 -10.46 -14.64 3.18
N HIS A 132 -11.60 -14.77 2.52
CA HIS A 132 -12.17 -16.09 2.22
C HIS A 132 -12.83 -16.07 0.86
N ILE A 133 -12.75 -17.20 0.18
CA ILE A 133 -13.20 -17.36 -1.20
C ILE A 133 -14.49 -18.16 -1.20
N SER A 134 -15.47 -17.69 -1.96
CA SER A 134 -16.77 -18.34 -2.05
C SER A 134 -16.65 -19.76 -2.58
N MET A 135 -17.57 -20.62 -2.10
CA MET A 135 -17.56 -22.03 -2.40
C MET A 135 -18.90 -22.48 -2.96
N THR A 136 -18.83 -23.52 -3.78
CA THR A 136 -19.98 -24.30 -4.24
C THR A 136 -19.69 -25.77 -3.94
N ASP A 137 -20.59 -26.40 -3.19
CA ASP A 137 -20.45 -27.80 -2.78
CA ASP A 137 -20.43 -27.80 -2.81
C ASP A 137 -19.11 -28.05 -2.08
N GLY A 138 -18.73 -27.13 -1.19
CA GLY A 138 -17.52 -27.36 -0.39
C GLY A 138 -16.22 -27.28 -1.16
N LYS A 139 -16.21 -26.64 -2.34
CA LYS A 139 -15.01 -26.40 -3.13
C LYS A 139 -15.02 -24.94 -3.55
N TYR A 140 -13.85 -24.32 -3.67
CA TYR A 140 -13.78 -22.91 -4.13
C TYR A 140 -14.39 -22.82 -5.52
N ASP A 141 -15.25 -21.82 -5.76
CA ASP A 141 -15.79 -21.61 -7.10
C ASP A 141 -15.20 -20.39 -7.79
N GLY A 142 -14.29 -19.68 -7.12
CA GLY A 142 -13.55 -18.61 -7.79
C GLY A 142 -14.36 -17.37 -8.10
N LYS A 143 -15.59 -17.26 -7.60
CA LYS A 143 -16.39 -16.09 -7.91
C LYS A 143 -15.99 -14.85 -7.10
N TYR A 144 -15.97 -14.96 -5.77
CA TYR A 144 -15.83 -13.81 -4.89
C TYR A 144 -14.81 -14.07 -3.79
N LEU A 145 -14.19 -13.00 -3.32
CA LEU A 145 -13.45 -12.97 -2.06
C LEU A 145 -14.12 -11.98 -1.11
N PHE A 146 -14.31 -12.40 0.16
CA PHE A 146 -14.86 -11.52 1.18
C PHE A 146 -13.80 -11.25 2.22
N ILE A 147 -13.90 -10.11 2.88
CA ILE A 147 -12.96 -9.76 3.94
C ILE A 147 -13.63 -8.77 4.89
N ASN A 148 -13.16 -8.74 6.14
CA ASN A 148 -13.68 -7.93 7.23
C ASN A 148 -12.90 -6.62 7.33
N ASP A 149 -13.55 -5.66 7.99
CA ASP A 149 -12.90 -4.44 8.47
C ASP A 149 -13.22 -4.29 9.95
N LYS A 150 -12.25 -4.58 10.79
CA LYS A 150 -12.46 -4.39 12.21
C LYS A 150 -12.51 -2.91 12.63
N ALA A 151 -11.91 -2.00 11.86
CA ALA A 151 -11.81 -0.62 12.34
C ALA A 151 -13.12 0.13 12.18
N ASN A 152 -13.80 -0.01 11.03
CA ASN A 152 -15.06 0.69 10.81
C ASN A 152 -16.20 -0.26 10.48
N SER A 153 -16.11 -1.52 10.91
CA SER A 153 -17.29 -2.40 11.04
C SER A 153 -17.93 -2.72 9.69
N ARG A 154 -17.09 -3.12 8.73
CA ARG A 154 -17.56 -3.37 7.37
C ARG A 154 -17.19 -4.76 6.91
N VAL A 155 -17.90 -5.21 5.87
CA VAL A 155 -17.55 -6.40 5.10
C VAL A 155 -17.46 -5.96 3.64
N ALA A 156 -16.40 -6.35 2.97
CA ALA A 156 -16.26 -6.07 1.55
C ALA A 156 -16.23 -7.35 0.73
N ARG A 157 -16.70 -7.23 -0.50
CA ARG A 157 -16.65 -8.31 -1.49
C ARG A 157 -15.76 -7.87 -2.64
N ILE A 158 -14.87 -8.76 -3.06
CA ILE A 158 -14.02 -8.56 -4.22
C ILE A 158 -14.46 -9.53 -5.30
N ARG A 159 -14.61 -9.05 -6.53
CA ARG A 159 -14.89 -9.91 -7.67
C ARG A 159 -13.56 -10.42 -8.21
N LEU A 160 -13.36 -11.74 -8.15
CA LEU A 160 -12.10 -12.33 -8.56
C LEU A 160 -11.91 -12.36 -10.08
N ASP A 161 -12.93 -12.02 -10.89
CA ASP A 161 -12.67 -11.93 -12.31
C ASP A 161 -12.02 -10.61 -12.70
N ILE A 162 -12.31 -9.51 -11.98
CA ILE A 162 -11.63 -8.24 -12.24
C ILE A 162 -10.62 -7.88 -11.14
N MET A 163 -10.58 -8.60 -10.03
CA MET A 163 -9.68 -8.27 -8.92
C MET A 163 -9.88 -6.82 -8.45
N LYS A 164 -11.16 -6.47 -8.22
CA LYS A 164 -11.56 -5.21 -7.62
C LYS A 164 -12.62 -5.48 -6.56
N CYS A 165 -12.58 -4.69 -5.48
CA CYS A 165 -13.72 -4.61 -4.56
C CYS A 165 -14.95 -4.06 -5.29
N ASP A 166 -16.03 -4.84 -5.34
CA ASP A 166 -17.22 -4.40 -6.07
C ASP A 166 -18.43 -4.11 -5.19
N LYS A 167 -18.38 -4.43 -3.89
CA LYS A 167 -19.48 -4.19 -2.98
C LYS A 167 -18.90 -4.04 -1.58
N MET A 168 -19.58 -3.24 -0.75
CA MET A 168 -19.13 -2.99 0.61
C MET A 168 -20.34 -2.68 1.45
N ILE A 169 -20.36 -3.19 2.68
CA ILE A 169 -21.47 -2.94 3.59
C ILE A 169 -20.92 -2.59 4.98
N THR A 170 -21.52 -1.59 5.61
CA THR A 170 -21.31 -1.30 7.02
C THR A 170 -22.36 -2.09 7.82
N VAL A 171 -21.92 -3.03 8.64
CA VAL A 171 -22.84 -3.92 9.37
C VAL A 171 -23.56 -3.05 10.40
N PRO A 172 -24.88 -3.01 10.42
CA PRO A 172 -25.59 -2.06 11.30
C PRO A 172 -25.61 -2.53 12.76
N ASN A 173 -25.58 -1.54 13.67
CA ASN A 173 -25.85 -1.78 15.07
C ASN A 173 -24.80 -2.66 15.74
N VAL A 174 -23.55 -2.62 15.26
CA VAL A 174 -22.43 -3.39 15.84
C VAL A 174 -21.17 -2.54 15.84
N GLN A 175 -20.15 -3.02 16.56
CA GLN A 175 -18.81 -2.42 16.51
C GLN A 175 -17.78 -3.52 16.28
N ALA A 176 -16.99 -3.36 15.22
CA ALA A 176 -15.78 -4.12 14.96
C ALA A 176 -16.07 -5.49 14.35
N ILE A 177 -16.08 -5.58 13.02
CA ILE A 177 -16.23 -6.87 12.37
C ILE A 177 -14.87 -7.54 12.35
N HIS A 178 -14.76 -8.67 13.05
CA HIS A 178 -13.49 -9.37 13.15
C HIS A 178 -13.56 -10.74 12.51
N GLY A 179 -13.91 -11.78 13.27
CA GLY A 179 -14.05 -13.09 12.65
C GLY A 179 -14.97 -13.06 11.44
N LEU A 180 -14.61 -13.79 10.38
CA LEU A 180 -15.42 -13.88 9.15
C LEU A 180 -15.15 -15.19 8.44
N ARG A 181 -16.19 -15.93 8.04
CA ARG A 181 -15.99 -17.08 7.17
C ARG A 181 -17.27 -17.32 6.39
N LEU A 182 -17.19 -18.19 5.39
CA LEU A 182 -18.25 -18.39 4.41
C LEU A 182 -18.99 -19.71 4.60
N GLN A 183 -20.29 -19.69 4.39
CA GLN A 183 -21.01 -20.94 4.22
C GLN A 183 -20.35 -21.77 3.14
N LYS A 184 -20.25 -23.09 3.38
CA LYS A 184 -19.58 -23.97 2.41
C LYS A 184 -20.54 -24.72 1.52
N VAL A 185 -21.69 -25.15 2.06
CA VAL A 185 -22.60 -26.09 1.41
C VAL A 185 -24.02 -25.56 1.60
N PRO A 186 -24.89 -25.60 0.57
CA PRO A 186 -24.61 -26.09 -0.77
C PRO A 186 -23.72 -25.15 -1.58
N HIS A 187 -23.59 -23.92 -1.09
CA HIS A 187 -22.69 -22.92 -1.65
C HIS A 187 -22.67 -21.77 -0.65
N THR A 188 -21.88 -20.74 -0.95
CA THR A 188 -21.78 -19.58 -0.07
C THR A 188 -23.00 -18.69 -0.29
N LYS A 189 -24.11 -19.07 0.37
CA LYS A 189 -25.28 -18.20 0.42
C LYS A 189 -25.06 -17.05 1.37
N TYR A 190 -24.45 -17.33 2.53
CA TYR A 190 -24.20 -16.34 3.55
C TYR A 190 -22.71 -16.13 3.78
N VAL A 191 -22.37 -14.87 4.08
CA VAL A 191 -21.10 -14.49 4.70
C VAL A 191 -21.35 -14.39 6.19
N PHE A 192 -20.64 -15.17 7.02
CA PHE A 192 -20.81 -15.05 8.47
C PHE A 192 -19.72 -14.12 9.03
N ALA A 193 -20.14 -13.13 9.81
CA ALA A 193 -19.26 -12.11 10.38
C ALA A 193 -19.52 -11.92 11.87
N ASN A 194 -18.42 -11.92 12.64
CA ASN A 194 -18.43 -11.65 14.08
C ASN A 194 -18.28 -10.16 14.35
N ALA A 195 -19.15 -9.59 15.18
CA ALA A 195 -18.89 -8.28 15.77
C ALA A 195 -18.28 -8.52 17.15
N GLU A 196 -17.06 -7.99 17.35
CA GLU A 196 -16.32 -8.40 18.54
C GLU A 196 -16.85 -7.76 19.84
N PHE A 197 -17.22 -6.48 19.82
CA PHE A 197 -17.33 -5.70 21.05
C PHE A 197 -18.78 -5.49 21.48
N ILE A 198 -19.06 -5.78 22.76
CA ILE A 198 -20.37 -5.57 23.35
C ILE A 198 -20.69 -4.08 23.45
N ILE A 199 -21.90 -3.69 23.07
CA ILE A 199 -22.28 -2.28 23.12
C ILE A 199 -23.72 -2.14 23.57
N PRO A 200 -24.12 -0.96 24.05
CA PRO A 200 -25.53 -0.75 24.42
C PRO A 200 -26.44 -0.68 23.20
N HIS A 201 -27.69 -1.11 23.38
CA HIS A 201 -28.73 -0.98 22.36
C HIS A 201 -29.97 -0.35 22.98
N PRO A 202 -30.31 0.89 22.61
CA PRO A 202 -29.59 1.74 21.66
C PRO A 202 -28.31 2.29 22.27
N ASN A 203 -27.35 2.63 21.41
CA ASN A 203 -26.09 3.22 21.84
C ASN A 203 -26.18 4.73 21.67
N ASP A 204 -27.08 5.32 22.45
CA ASP A 204 -27.46 6.71 22.31
C ASP A 204 -26.91 7.57 23.43
N GLY A 205 -26.07 7.00 24.29
CA GLY A 205 -25.45 7.77 25.33
C GLY A 205 -26.22 7.85 26.62
N LYS A 206 -27.38 7.17 26.72
CA LYS A 206 -28.07 7.09 28.01
C LYS A 206 -27.45 6.02 28.89
N VAL A 207 -27.10 4.87 28.32
CA VAL A 207 -26.62 3.72 29.07
C VAL A 207 -25.23 3.36 28.58
N PHE A 208 -24.29 3.20 29.53
CA PHE A 208 -22.95 2.78 29.17
C PHE A 208 -22.57 1.44 29.77
N ASP A 209 -23.39 0.88 30.65
CA ASP A 209 -23.04 -0.35 31.36
C ASP A 209 -23.06 -1.55 30.42
N LEU A 210 -21.91 -2.19 30.22
CA LEU A 210 -21.87 -3.39 29.40
C LEU A 210 -22.50 -4.59 30.09
N GLN A 211 -22.93 -4.45 31.33
CA GLN A 211 -23.66 -5.50 32.04
C GLN A 211 -25.17 -5.30 31.92
N ASP A 212 -25.59 -4.21 31.29
CA ASP A 212 -27.00 -3.94 31.07
C ASP A 212 -27.62 -5.04 30.19
N GLU A 213 -28.89 -5.35 30.46
CA GLU A 213 -29.51 -6.41 29.70
C GLU A 213 -29.67 -6.07 28.22
N ASN A 214 -29.45 -4.81 27.83
CA ASN A 214 -29.53 -4.47 26.41
C ASN A 214 -28.16 -4.16 25.83
N SER A 215 -27.09 -4.51 26.55
CA SER A 215 -25.74 -4.43 26.04
C SER A 215 -25.34 -5.82 25.55
N TYR A 216 -24.96 -5.93 24.30
CA TYR A 216 -24.60 -7.24 23.77
C TYR A 216 -23.94 -7.01 22.43
N THR A 217 -23.39 -8.08 21.87
CA THR A 217 -22.98 -8.06 20.47
C THR A 217 -23.74 -9.14 19.72
N MET A 218 -23.54 -9.21 18.41
CA MET A 218 -24.39 -10.01 17.54
C MET A 218 -23.55 -10.70 16.47
N TYR A 219 -24.01 -11.91 16.13
CA TYR A 219 -23.51 -12.66 14.98
C TYR A 219 -24.23 -12.19 13.72
N ASN A 220 -23.48 -12.02 12.64
CA ASN A 220 -24.03 -11.35 11.48
C ASN A 220 -24.01 -12.27 10.27
N ALA A 221 -25.12 -12.35 9.55
CA ALA A 221 -25.16 -13.07 8.29
C ALA A 221 -25.48 -12.08 7.18
N ILE A 222 -24.63 -12.06 6.16
CA ILE A 222 -24.78 -11.20 5.01
C ILE A 222 -25.08 -12.08 3.81
N ASP A 223 -26.05 -11.67 2.98
CA ASP A 223 -26.33 -12.31 1.71
C ASP A 223 -25.13 -12.11 0.80
N ALA A 224 -24.44 -13.20 0.46
CA ALA A 224 -23.20 -13.09 -0.28
C ALA A 224 -23.44 -12.48 -1.65
N GLU A 225 -24.57 -12.80 -2.28
CA GLU A 225 -24.81 -12.36 -3.64
C GLU A 225 -25.31 -10.93 -3.70
N THR A 226 -26.22 -10.52 -2.80
CA THR A 226 -26.71 -9.16 -2.85
C THR A 226 -25.86 -8.22 -2.00
N MET A 227 -25.05 -8.74 -1.08
CA MET A 227 -24.31 -7.91 -0.12
C MET A 227 -25.25 -6.99 0.66
N GLU A 228 -26.45 -7.52 0.96
CA GLU A 228 -27.37 -6.96 1.94
C GLU A 228 -27.39 -7.86 3.18
N MET A 229 -27.70 -7.29 4.34
CA MET A 229 -27.83 -8.07 5.55
C MET A 229 -28.91 -9.11 5.37
N ALA A 230 -28.64 -10.34 5.84
CA ALA A 230 -29.64 -11.39 5.92
C ALA A 230 -30.28 -11.47 7.29
N PHE A 231 -29.48 -11.53 8.35
CA PHE A 231 -30.03 -11.57 9.70
C PHE A 231 -28.90 -11.36 10.70
N GLN A 232 -29.28 -11.14 11.95
CA GLN A 232 -28.35 -10.99 13.06
C GLN A 232 -28.86 -11.82 14.22
N VAL A 233 -27.94 -12.46 14.94
CA VAL A 233 -28.29 -13.24 16.13
C VAL A 233 -27.58 -12.63 17.33
N ILE A 234 -28.36 -12.16 18.31
CA ILE A 234 -27.82 -11.71 19.59
C ILE A 234 -27.23 -12.90 20.30
N VAL A 235 -26.06 -12.71 20.92
CA VAL A 235 -25.41 -13.77 21.68
C VAL A 235 -25.01 -13.26 23.06
N ASP A 236 -24.78 -14.22 23.97
CA ASP A 236 -24.13 -13.92 25.22
C ASP A 236 -22.63 -13.78 24.96
N GLY A 237 -21.97 -12.95 25.76
CA GLY A 237 -20.54 -12.91 25.62
C GLY A 237 -20.11 -12.11 24.40
N ASN A 238 -18.91 -12.39 23.95
CA ASN A 238 -18.45 -11.72 22.75
C ASN A 238 -18.14 -12.76 21.69
N LEU A 239 -17.65 -12.31 20.54
CA LEU A 239 -17.35 -13.24 19.46
C LEU A 239 -15.93 -13.00 18.98
N ASP A 240 -15.20 -14.09 18.69
CA ASP A 240 -13.83 -13.98 18.23
C ASP A 240 -13.76 -14.46 16.78
N ASN A 241 -13.55 -15.74 16.52
CA ASN A 241 -13.52 -16.29 15.16
C ASN A 241 -14.72 -17.21 14.89
N THR A 242 -14.91 -17.57 13.62
CA THR A 242 -16.07 -18.34 13.24
C THR A 242 -15.77 -19.24 12.04
N ASP A 243 -16.54 -20.31 11.90
CA ASP A 243 -16.48 -21.17 10.72
C ASP A 243 -17.83 -21.85 10.53
N ALA A 244 -17.98 -22.54 9.40
CA ALA A 244 -19.24 -23.16 8.99
C ALA A 244 -19.01 -24.64 8.70
N ASP A 245 -20.08 -25.43 8.74
CA ASP A 245 -19.96 -26.86 8.55
C ASP A 245 -19.97 -27.21 7.05
N TYR A 246 -20.11 -28.48 6.72
CA TYR A 246 -20.27 -28.92 5.34
C TYR A 246 -21.70 -29.36 5.03
N THR A 247 -22.68 -28.78 5.70
CA THR A 247 -24.05 -29.12 5.32
C THR A 247 -24.87 -27.88 5.03
N GLY A 248 -24.50 -26.77 5.67
CA GLY A 248 -25.26 -25.55 5.63
C GLY A 248 -26.14 -25.34 6.84
N ARG A 249 -26.33 -26.36 7.68
CA ARG A 249 -27.18 -26.17 8.86
C ARG A 249 -26.46 -25.43 9.99
N PHE A 250 -25.16 -25.69 10.19
CA PHE A 250 -24.48 -25.22 11.38
C PHE A 250 -23.32 -24.28 11.08
N ALA A 251 -23.09 -23.37 12.01
CA ALA A 251 -21.94 -22.50 12.07
C ALA A 251 -21.56 -22.39 13.53
N ALA A 252 -20.33 -21.95 13.79
CA ALA A 252 -19.88 -21.89 15.17
C ALA A 252 -18.93 -20.72 15.33
N ALA A 253 -18.82 -20.21 16.55
CA ALA A 253 -17.92 -19.11 16.82
C ALA A 253 -17.33 -19.26 18.20
N THR A 254 -16.04 -18.95 18.31
CA THR A 254 -15.46 -18.86 19.64
C THR A 254 -15.92 -17.57 20.29
N CYS A 255 -15.94 -17.59 21.61
CA CYS A 255 -16.19 -16.42 22.43
CA CYS A 255 -16.20 -16.43 22.44
C CYS A 255 -15.13 -16.35 23.52
N TYR A 256 -14.49 -15.19 23.66
CA TYR A 256 -13.49 -15.04 24.72
C TYR A 256 -14.00 -14.22 25.89
N ASN A 257 -15.13 -13.54 25.74
CA ASN A 257 -15.56 -12.67 26.83
C ASN A 257 -16.91 -13.13 27.36
N SER A 258 -17.01 -14.42 27.70
CA SER A 258 -18.24 -14.89 28.32
C SER A 258 -18.59 -14.07 29.56
N GLU A 259 -17.60 -13.42 30.16
CA GLU A 259 -17.74 -12.68 31.40
C GLU A 259 -18.18 -11.24 31.17
N LYS A 260 -18.31 -10.82 29.91
CA LYS A 260 -18.73 -9.47 29.55
C LYS A 260 -18.02 -8.41 30.38
N ALA A 261 -16.70 -8.57 30.54
CA ALA A 261 -15.90 -7.62 31.29
C ALA A 261 -15.30 -6.57 30.36
N PHE A 262 -14.94 -5.43 30.94
CA PHE A 262 -14.26 -4.37 30.21
C PHE A 262 -12.75 -4.39 30.44
N ASP A 263 -12.28 -5.16 31.42
CA ASP A 263 -10.90 -5.16 31.89
C ASP A 263 -10.23 -6.50 31.61
N LEU A 264 -8.90 -6.46 31.44
CA LEU A 264 -8.14 -7.64 31.04
C LEU A 264 -8.39 -8.82 31.98
N GLY A 265 -8.08 -8.65 33.27
CA GLY A 265 -8.36 -9.70 34.23
C GLY A 265 -9.80 -10.17 34.19
N GLY A 266 -10.74 -9.22 34.03
CA GLY A 266 -12.15 -9.57 34.01
C GLY A 266 -12.50 -10.61 32.97
N MET A 267 -12.00 -10.43 31.74
CA MET A 267 -12.35 -11.34 30.64
C MET A 267 -11.47 -12.59 30.57
N MET A 268 -10.53 -12.77 31.52
CA MET A 268 -9.78 -14.02 31.67
C MET A 268 -10.25 -14.83 32.88
N ARG A 269 -11.34 -14.41 33.53
CA ARG A 269 -11.70 -14.93 34.84
C ARG A 269 -12.34 -16.30 34.77
N ASN A 270 -13.04 -16.61 33.67
CA ASN A 270 -13.76 -17.86 33.56
C ASN A 270 -12.84 -18.98 33.12
N GLU A 271 -12.84 -20.07 33.91
CA GLU A 271 -12.14 -21.28 33.50
C GLU A 271 -12.47 -21.64 32.06
N ARG A 272 -13.73 -21.46 31.66
CA ARG A 272 -14.18 -21.79 30.32
C ARG A 272 -15.01 -20.65 29.75
N ASP A 273 -14.74 -20.29 28.50
CA ASP A 273 -15.73 -19.54 27.77
C ASP A 273 -16.50 -20.56 26.94
N TRP A 274 -16.66 -20.34 25.65
CA TRP A 274 -17.41 -21.34 24.92
C TRP A 274 -17.18 -21.15 23.43
N VAL A 275 -17.59 -22.15 22.66
CA VAL A 275 -17.95 -21.89 21.27
C VAL A 275 -19.47 -21.99 21.18
N VAL A 276 -20.07 -20.95 20.64
CA VAL A 276 -21.51 -20.91 20.43
C VAL A 276 -21.77 -21.52 19.07
N VAL A 277 -22.69 -22.47 19.02
CA VAL A 277 -23.08 -23.09 17.76
C VAL A 277 -24.44 -22.53 17.37
N PHE A 278 -24.56 -22.17 16.09
CA PHE A 278 -25.78 -21.62 15.50
C PHE A 278 -26.49 -22.68 14.66
N ASP A 279 -27.80 -22.81 14.85
CA ASP A 279 -28.65 -23.66 14.02
C ASP A 279 -29.23 -22.73 12.98
N ILE A 280 -28.52 -22.62 11.84
CA ILE A 280 -28.88 -21.66 10.80
C ILE A 280 -30.24 -22.01 10.20
N HIS A 281 -30.52 -23.30 10.04
CA HIS A 281 -31.86 -23.67 9.57
C HIS A 281 -32.93 -23.08 10.48
N ALA A 282 -32.74 -23.19 11.80
CA ALA A 282 -33.73 -22.64 12.73
C ALA A 282 -33.84 -21.13 12.64
N VAL A 283 -32.71 -20.45 12.46
CA VAL A 283 -32.75 -19.00 12.26
C VAL A 283 -33.55 -18.68 11.00
N GLU A 284 -33.23 -19.37 9.91
CA GLU A 284 -33.98 -19.16 8.68
C GLU A 284 -35.47 -19.42 8.86
N ALA A 285 -35.85 -20.48 9.60
CA ALA A 285 -37.27 -20.74 9.80
C ALA A 285 -37.95 -19.56 10.49
N ALA A 286 -37.30 -19.00 11.53
CA ALA A 286 -37.88 -17.87 12.26
C ALA A 286 -37.99 -16.63 11.37
N VAL A 287 -37.00 -16.39 10.53
CA VAL A 287 -37.07 -15.23 9.63
C VAL A 287 -38.21 -15.41 8.65
N LYS A 288 -38.29 -16.58 8.01
CA LYS A 288 -39.37 -16.83 7.06
C LYS A 288 -40.74 -16.70 7.74
N ALA A 289 -40.84 -17.03 9.02
CA ALA A 289 -42.11 -16.94 9.75
C ALA A 289 -42.37 -15.56 10.34
N GLY A 290 -41.44 -14.62 10.19
CA GLY A 290 -41.63 -13.32 10.78
C GLY A 290 -41.39 -13.25 12.26
N ASP A 291 -40.75 -14.25 12.87
CA ASP A 291 -40.52 -14.21 14.32
C ASP A 291 -39.18 -13.53 14.62
N PHE A 292 -39.14 -12.22 14.44
CA PHE A 292 -37.92 -11.47 14.70
C PHE A 292 -38.28 -10.05 15.10
N ILE A 293 -37.31 -9.34 15.65
CA ILE A 293 -37.43 -7.91 15.90
C ILE A 293 -36.45 -7.20 14.97
N THR A 294 -36.52 -5.86 14.94
CA THR A 294 -35.48 -5.06 14.32
C THR A 294 -34.94 -4.04 15.33
N LEU A 295 -33.76 -3.52 15.02
CA LEU A 295 -33.02 -2.63 15.91
C LEU A 295 -32.80 -1.29 15.24
N GLY A 296 -33.15 -0.21 15.92
CA GLY A 296 -32.86 1.10 15.37
C GLY A 296 -33.50 1.27 14.01
N ASP A 297 -32.77 1.85 13.06
CA ASP A 297 -33.34 2.09 11.74
C ASP A 297 -32.92 1.05 10.72
N SER A 298 -32.40 -0.08 11.17
CA SER A 298 -32.04 -1.15 10.26
C SER A 298 -33.20 -2.12 10.18
N LYS A 299 -33.56 -2.50 8.95
CA LYS A 299 -34.61 -3.50 8.75
C LYS A 299 -34.11 -4.92 8.93
N THR A 300 -32.84 -5.12 9.26
CA THR A 300 -32.31 -6.46 9.41
C THR A 300 -33.11 -7.27 10.44
N PRO A 301 -33.53 -8.49 10.12
CA PRO A 301 -34.16 -9.34 11.13
C PRO A 301 -33.17 -9.68 12.24
N VAL A 302 -33.59 -9.48 13.47
CA VAL A 302 -32.75 -9.74 14.64
C VAL A 302 -33.40 -10.85 15.47
N LEU A 303 -32.66 -11.93 15.69
CA LEU A 303 -33.09 -13.07 16.49
C LEU A 303 -32.28 -13.09 17.77
N ASP A 304 -32.90 -13.56 18.85
CA ASP A 304 -32.26 -13.55 20.16
C ASP A 304 -31.69 -14.93 20.45
N GLY A 305 -30.36 -15.04 20.38
CA GLY A 305 -29.60 -16.25 20.63
C GLY A 305 -29.03 -16.38 22.02
N ARG A 306 -29.43 -15.52 22.96
CA ARG A 306 -28.94 -15.58 24.32
C ARG A 306 -29.67 -16.65 25.13
N LYS A 307 -29.01 -17.15 26.17
CA LYS A 307 -29.73 -17.93 27.17
C LYS A 307 -30.65 -17.03 27.98
N LYS A 308 -31.79 -17.58 28.41
CA LYS A 308 -32.80 -16.83 29.16
C LYS A 308 -33.10 -17.58 30.46
N ASP A 309 -32.59 -17.08 31.57
CA ASP A 309 -32.77 -17.76 32.85
C ASP A 309 -32.38 -19.23 32.70
N GLY A 310 -31.19 -19.44 32.12
CA GLY A 310 -30.68 -20.78 31.91
C GLY A 310 -31.34 -21.56 30.80
N LYS A 311 -32.36 -21.01 30.15
CA LYS A 311 -33.07 -21.73 29.10
C LYS A 311 -32.40 -21.45 27.76
N ASP A 312 -32.16 -22.50 26.98
CA ASP A 312 -31.49 -22.36 25.70
C ASP A 312 -32.41 -21.77 24.65
N SER A 313 -31.85 -20.89 23.84
CA SER A 313 -32.50 -20.43 22.63
C SER A 313 -32.69 -21.60 21.65
N LYS A 314 -33.63 -21.42 20.72
CA LYS A 314 -33.74 -22.35 19.58
C LYS A 314 -32.59 -22.19 18.59
N PHE A 315 -31.92 -21.05 18.60
CA PHE A 315 -30.97 -20.73 17.57
C PHE A 315 -29.54 -21.07 17.94
N THR A 316 -29.25 -21.33 19.21
CA THR A 316 -27.87 -21.44 19.66
C THR A 316 -27.72 -22.51 20.74
N ARG A 317 -26.50 -23.02 20.85
CA ARG A 317 -26.03 -23.79 22.00
C ARG A 317 -24.63 -23.32 22.33
N TYR A 318 -24.33 -23.22 23.62
CA TYR A 318 -23.05 -22.78 24.14
C TYR A 318 -22.30 -24.01 24.66
N VAL A 319 -21.19 -24.32 24.00
CA VAL A 319 -20.36 -25.48 24.34
C VAL A 319 -19.16 -24.97 25.11
N PRO A 320 -19.03 -25.27 26.41
CA PRO A 320 -17.91 -24.72 27.20
C PRO A 320 -16.57 -25.26 26.72
N VAL A 321 -15.62 -24.34 26.51
CA VAL A 321 -14.31 -24.59 25.90
C VAL A 321 -13.26 -23.71 26.57
N PRO A 322 -12.16 -24.25 27.07
CA PRO A 322 -11.08 -23.40 27.59
C PRO A 322 -10.15 -22.91 26.48
N LYS A 323 -9.63 -21.68 26.64
CA LYS A 323 -10.02 -20.68 27.66
C LYS A 323 -9.67 -19.33 27.04
N ASN A 324 -10.65 -18.46 26.84
CA ASN A 324 -10.53 -17.37 25.87
C ASN A 324 -10.14 -18.01 24.54
N PRO A 325 -10.85 -19.07 24.10
CA PRO A 325 -10.48 -19.73 22.85
C PRO A 325 -10.49 -18.75 21.70
N HIS A 326 -9.66 -19.03 20.70
CA HIS A 326 -9.45 -18.06 19.64
C HIS A 326 -9.84 -18.63 18.27
N GLY A 327 -8.97 -19.41 17.64
CA GLY A 327 -9.31 -19.98 16.34
C GLY A 327 -10.53 -20.87 16.41
N CYS A 328 -11.31 -20.85 15.32
CA CYS A 328 -12.47 -21.73 15.17
C CYS A 328 -12.43 -22.25 13.74
N ASN A 329 -12.01 -23.51 13.56
CA ASN A 329 -11.63 -24.03 12.25
C ASN A 329 -12.34 -25.33 11.95
N THR A 330 -13.00 -25.41 10.79
CA THR A 330 -13.69 -26.64 10.37
C THR A 330 -12.75 -27.60 9.63
N SER A 331 -12.64 -28.82 10.12
CA SER A 331 -11.76 -29.76 9.46
C SER A 331 -12.29 -30.06 8.05
N SER A 332 -11.37 -30.35 7.12
CA SER A 332 -11.75 -30.51 5.72
C SER A 332 -12.59 -31.76 5.46
N ASP A 333 -12.55 -32.76 6.34
CA ASP A 333 -13.46 -33.89 6.25
C ASP A 333 -14.82 -33.59 6.86
N GLY A 334 -15.05 -32.36 7.29
CA GLY A 334 -16.33 -31.95 7.86
C GLY A 334 -16.67 -32.54 9.22
N LYS A 335 -15.74 -33.25 9.86
CA LYS A 335 -16.09 -33.90 11.14
C LYS A 335 -16.12 -32.94 12.33
N TYR A 336 -15.28 -31.91 12.35
CA TYR A 336 -15.00 -31.17 13.57
C TYR A 336 -15.00 -29.67 13.36
N PHE A 337 -15.56 -28.95 14.34
CA PHE A 337 -15.16 -27.58 14.63
C PHE A 337 -14.02 -27.66 15.64
N ILE A 338 -12.87 -27.11 15.31
CA ILE A 338 -11.71 -27.17 16.20
C ILE A 338 -11.44 -25.77 16.74
N ALA A 339 -11.53 -25.63 18.06
CA ALA A 339 -11.30 -24.35 18.73
C ALA A 339 -9.93 -24.35 19.37
N ALA A 340 -9.12 -23.34 19.06
CA ALA A 340 -7.79 -23.26 19.63
C ALA A 340 -7.87 -22.65 21.02
N GLY A 341 -7.17 -23.26 21.98
CA GLY A 341 -7.36 -22.95 23.39
C GLY A 341 -6.73 -21.67 23.92
N LYS A 342 -5.88 -20.98 23.14
CA LYS A 342 -5.10 -19.80 23.52
C LYS A 342 -4.52 -19.87 24.94
N LEU A 343 -5.26 -19.42 25.95
CA LEU A 343 -4.76 -19.50 27.33
C LEU A 343 -4.68 -20.95 27.81
N SER A 344 -5.51 -21.83 27.27
CA SER A 344 -5.40 -23.26 27.57
C SER A 344 -4.49 -23.95 26.52
N PRO A 345 -3.53 -24.81 26.91
CA PRO A 345 -2.57 -25.38 25.96
C PRO A 345 -3.16 -26.56 25.18
N THR A 346 -4.39 -26.38 24.70
CA THR A 346 -5.21 -27.44 24.13
C THR A 346 -5.92 -26.90 22.90
N CYS A 347 -6.47 -27.82 22.11
CA CYS A 347 -7.59 -27.50 21.22
C CYS A 347 -8.78 -28.33 21.68
N SER A 348 -9.98 -27.88 21.37
CA SER A 348 -11.20 -28.62 21.70
C SER A 348 -11.87 -29.01 20.40
N MET A 349 -12.23 -30.29 20.27
CA MET A 349 -12.81 -30.80 19.03
C MET A 349 -14.30 -31.08 19.25
N ILE A 350 -15.13 -30.31 18.57
CA ILE A 350 -16.58 -30.48 18.59
C ILE A 350 -16.99 -31.37 17.43
N ALA A 351 -17.60 -32.52 17.74
CA ALA A 351 -18.08 -33.42 16.69
C ALA A 351 -19.32 -32.83 16.05
N ILE A 352 -19.19 -32.39 14.80
CA ILE A 352 -20.32 -31.77 14.13
C ILE A 352 -21.47 -32.76 14.00
N ASP A 353 -21.18 -34.05 13.84
CA ASP A 353 -22.30 -35.00 13.68
C ASP A 353 -23.05 -35.28 14.98
N LYS A 354 -22.62 -34.73 16.13
CA LYS A 354 -23.43 -34.78 17.35
C LYS A 354 -24.29 -33.54 17.54
N LEU A 355 -24.18 -32.54 16.67
CA LEU A 355 -24.89 -31.29 16.88
C LEU A 355 -26.40 -31.44 16.71
N PRO A 356 -26.88 -32.27 15.78
CA PRO A 356 -28.33 -32.46 15.71
C PRO A 356 -28.88 -33.00 17.02
N ASP A 357 -28.20 -33.96 17.63
CA ASP A 357 -28.62 -34.48 18.93
C ASP A 357 -28.57 -33.40 20.00
N LEU A 358 -27.55 -32.54 19.96
CA LEU A 358 -27.46 -31.43 20.91
C LEU A 358 -28.68 -30.53 20.83
N PHE A 359 -29.01 -30.06 19.62
CA PHE A 359 -30.15 -29.16 19.50
C PHE A 359 -31.48 -29.87 19.69
N ALA A 360 -31.52 -31.21 19.56
CA ALA A 360 -32.72 -31.99 19.81
C ALA A 360 -32.93 -32.30 21.30
N GLY A 361 -32.02 -31.88 22.17
CA GLY A 361 -32.19 -32.21 23.57
C GLY A 361 -31.91 -33.66 23.92
N LYS A 362 -31.17 -34.39 23.05
CA LYS A 362 -30.82 -35.78 23.37
C LYS A 362 -29.56 -35.91 24.22
N LEU A 363 -28.77 -34.85 24.37
CA LEU A 363 -27.50 -34.95 25.07
C LEU A 363 -27.62 -34.35 26.45
N ALA A 364 -27.10 -35.08 27.45
CA ALA A 364 -27.21 -34.62 28.83
C ALA A 364 -26.54 -33.26 29.04
N ASP A 365 -25.37 -33.06 28.44
CA ASP A 365 -24.48 -31.94 28.73
C ASP A 365 -23.92 -31.40 27.42
N PRO A 366 -23.88 -30.09 27.21
CA PRO A 366 -23.27 -29.56 25.98
C PRO A 366 -21.81 -29.96 25.81
N ARG A 367 -21.10 -30.36 26.87
CA ARG A 367 -19.74 -30.89 26.72
C ARG A 367 -19.72 -32.24 26.03
N ASP A 368 -20.85 -32.93 25.93
CA ASP A 368 -20.92 -34.22 25.24
C ASP A 368 -20.60 -34.13 23.76
N VAL A 369 -20.63 -32.94 23.15
CA VAL A 369 -20.25 -32.85 21.75
C VAL A 369 -18.74 -32.68 21.60
N ILE A 370 -18.01 -32.54 22.71
CA ILE A 370 -16.56 -32.46 22.64
C ILE A 370 -16.05 -33.88 22.55
N VAL A 371 -15.31 -34.18 21.48
CA VAL A 371 -14.79 -35.53 21.28
C VAL A 371 -13.29 -35.60 21.40
N GLY A 372 -12.62 -34.47 21.54
CA GLY A 372 -11.18 -34.49 21.75
C GLY A 372 -10.71 -33.19 22.36
N GLU A 373 -9.60 -33.26 23.05
CA GLU A 373 -9.05 -32.05 23.62
C GLU A 373 -7.54 -32.25 23.73
N PRO A 374 -6.86 -32.44 22.60
CA PRO A 374 -5.43 -32.76 22.67
C PRO A 374 -4.64 -31.67 23.36
N GLU A 375 -3.57 -32.05 24.03
CA GLU A 375 -2.66 -31.07 24.60
C GLU A 375 -1.50 -30.91 23.63
N LEU A 376 -1.27 -29.69 23.18
CA LEU A 376 -0.38 -29.41 22.06
C LEU A 376 0.86 -28.62 22.45
N GLY A 377 0.71 -27.61 23.30
CA GLY A 377 1.77 -26.67 23.61
C GLY A 377 1.18 -25.35 24.06
N LEU A 378 2.07 -24.37 24.28
CA LEU A 378 1.65 -23.10 24.89
C LEU A 378 1.15 -22.14 23.82
N GLY A 379 -0.11 -21.69 23.97
CA GLY A 379 -0.63 -20.60 23.18
C GLY A 379 -1.20 -21.00 21.83
N PRO A 380 -2.02 -22.05 21.79
CA PRO A 380 -2.66 -22.45 20.54
C PRO A 380 -3.62 -21.37 20.07
N LEU A 381 -3.47 -20.94 18.83
CA LEU A 381 -4.29 -19.89 18.28
C LEU A 381 -5.13 -20.31 17.08
N HIS A 382 -4.62 -21.14 16.17
CA HIS A 382 -5.34 -21.45 14.93
C HIS A 382 -4.94 -22.81 14.40
N THR A 383 -5.82 -23.39 13.58
CA THR A 383 -5.61 -24.76 13.12
C THR A 383 -5.96 -24.84 11.64
N THR A 384 -5.19 -25.65 10.91
CA THR A 384 -5.48 -25.92 9.50
C THR A 384 -5.27 -27.41 9.23
N PHE A 385 -5.52 -27.85 7.98
CA PHE A 385 -5.71 -29.27 7.69
C PHE A 385 -5.03 -29.64 6.39
N ASP A 386 -4.38 -30.82 6.35
CA ASP A 386 -3.75 -31.27 5.11
C ASP A 386 -4.64 -32.15 4.24
N GLY A 387 -5.89 -32.42 4.63
CA GLY A 387 -6.69 -33.39 3.91
C GLY A 387 -6.23 -34.82 4.09
N ARG A 388 -5.16 -35.07 4.84
CA ARG A 388 -4.70 -36.42 5.08
C ARG A 388 -5.09 -36.93 6.46
N GLY A 389 -5.79 -36.14 7.25
CA GLY A 389 -6.16 -36.55 8.58
C GLY A 389 -5.36 -35.85 9.65
N ASN A 390 -4.37 -35.05 9.26
CA ASN A 390 -3.61 -34.28 10.23
C ASN A 390 -4.16 -32.87 10.33
N ALA A 391 -4.04 -32.32 11.53
CA ALA A 391 -4.23 -30.90 11.79
C ALA A 391 -2.88 -30.28 12.10
N TYR A 392 -2.80 -28.96 11.92
CA TYR A 392 -1.57 -28.19 12.11
C TYR A 392 -1.99 -26.95 12.90
N THR A 393 -1.40 -26.75 14.07
CA THR A 393 -1.85 -25.68 14.96
C THR A 393 -0.68 -24.78 15.31
N THR A 394 -0.89 -23.47 15.25
CA THR A 394 0.15 -22.52 15.68
C THR A 394 0.20 -22.43 17.21
N LEU A 395 1.42 -22.37 17.74
CA LEU A 395 1.68 -22.25 19.17
C LEU A 395 2.36 -20.90 19.36
N PHE A 396 1.57 -19.89 19.75
CA PHE A 396 2.10 -18.52 19.77
C PHE A 396 3.24 -18.38 20.77
N ILE A 397 3.09 -18.96 21.95
CA ILE A 397 4.09 -18.79 23.01
C ILE A 397 5.32 -19.63 22.71
N ASP A 398 5.12 -20.93 22.50
CA ASP A 398 6.21 -21.82 22.13
C ASP A 398 6.81 -21.50 20.76
N SER A 399 6.13 -20.68 19.95
CA SER A 399 6.59 -20.25 18.63
C SER A 399 6.91 -21.45 17.73
N GLN A 400 5.86 -22.24 17.46
CA GLN A 400 5.96 -23.48 16.69
C GLN A 400 4.68 -23.70 15.93
N VAL A 401 4.76 -24.54 14.90
CA VAL A 401 3.60 -25.17 14.30
C VAL A 401 3.62 -26.64 14.73
N VAL A 402 2.51 -27.13 15.27
CA VAL A 402 2.47 -28.53 15.71
C VAL A 402 1.52 -29.29 14.79
N LYS A 403 2.01 -30.41 14.24
CA LYS A 403 1.24 -31.30 13.38
C LYS A 403 0.71 -32.45 14.23
N TRP A 404 -0.59 -32.74 14.11
CA TRP A 404 -1.16 -33.76 14.97
C TRP A 404 -2.30 -34.45 14.24
N ASN A 405 -2.58 -35.69 14.64
CA ASN A 405 -3.54 -36.52 13.96
C ASN A 405 -4.87 -36.45 14.70
N MET A 406 -5.92 -36.04 14.01
CA MET A 406 -7.18 -35.78 14.69
C MET A 406 -7.83 -37.04 15.24
N GLU A 407 -7.86 -38.13 14.46
CA GLU A 407 -8.51 -39.32 14.97
C GLU A 407 -7.75 -39.92 16.13
N GLU A 408 -6.43 -39.78 16.14
CA GLU A 408 -5.68 -40.28 17.29
C GLU A 408 -5.96 -39.44 18.53
N ALA A 409 -6.11 -38.12 18.37
CA ALA A 409 -6.47 -37.27 19.50
C ALA A 409 -7.85 -37.63 20.04
N VAL A 410 -8.78 -37.98 19.16
CA VAL A 410 -10.11 -38.44 19.60
C VAL A 410 -9.99 -39.72 20.40
N ARG A 411 -9.13 -40.62 19.98
CA ARG A 411 -9.02 -41.87 20.72
C ARG A 411 -8.34 -41.64 22.07
N ALA A 412 -7.35 -40.76 22.10
CA ALA A 412 -6.70 -40.41 23.36
C ALA A 412 -7.68 -39.80 24.36
N TYR A 413 -8.64 -39.00 23.85
CA TYR A 413 -9.65 -38.40 24.71
C TYR A 413 -10.50 -39.45 25.42
N LYS A 414 -10.69 -40.60 24.78
CA LYS A 414 -11.40 -41.72 25.38
C LYS A 414 -10.54 -42.49 26.36
N GLY A 415 -9.25 -42.17 26.45
CA GLY A 415 -8.37 -42.87 27.36
C GLY A 415 -7.37 -43.81 26.74
N GLU A 416 -7.26 -43.87 25.41
CA GLU A 416 -6.21 -44.68 24.80
C GLU A 416 -4.88 -43.98 24.94
N LYS A 417 -3.82 -44.78 25.12
CA LYS A 417 -2.45 -44.26 25.18
C LYS A 417 -1.91 -44.28 23.77
N VAL A 418 -2.06 -43.16 23.08
CA VAL A 418 -1.60 -43.01 21.70
C VAL A 418 -1.11 -41.59 21.54
N ASN A 419 0.08 -41.43 20.97
CA ASN A 419 0.63 -40.10 20.78
C ASN A 419 0.14 -39.57 19.44
N TYR A 420 -0.69 -38.53 19.50
CA TYR A 420 -1.25 -37.91 18.30
C TYR A 420 -0.35 -36.82 17.75
N ILE A 421 0.71 -36.46 18.46
CA ILE A 421 1.60 -35.38 18.01
C ILE A 421 2.66 -35.99 17.10
N LYS A 422 2.75 -35.47 15.88
CA LYS A 422 3.67 -35.99 14.88
C LYS A 422 4.97 -35.19 14.79
N GLN A 423 4.91 -33.87 14.95
CA GLN A 423 6.07 -33.01 14.74
C GLN A 423 5.79 -31.61 15.26
N LYS A 424 6.81 -30.97 15.83
CA LYS A 424 6.77 -29.54 16.15
C LYS A 424 7.90 -28.83 15.40
N LEU A 425 7.54 -27.84 14.59
CA LEU A 425 8.48 -27.10 13.77
C LEU A 425 8.62 -25.67 14.31
N ASP A 426 9.86 -25.23 14.57
CA ASP A 426 10.04 -23.87 15.05
C ASP A 426 9.80 -22.87 13.91
N VAL A 427 9.05 -21.80 14.22
CA VAL A 427 8.81 -20.69 13.29
C VAL A 427 9.24 -19.38 13.97
N HIS A 428 9.31 -18.29 13.17
CA HIS A 428 10.12 -17.13 13.57
C HIS A 428 9.41 -15.79 13.30
N TYR A 429 8.67 -15.27 14.28
CA TYR A 429 8.46 -15.79 15.64
C TYR A 429 7.05 -15.43 16.08
N GLN A 430 6.48 -16.17 17.07
CA GLN A 430 5.11 -15.93 17.55
C GLN A 430 4.08 -15.98 16.45
N PRO A 431 3.74 -17.18 15.98
CA PRO A 431 2.73 -17.31 14.92
C PRO A 431 1.31 -17.09 15.41
N GLY A 432 0.50 -16.54 14.53
CA GLY A 432 -0.92 -16.33 14.75
C GLY A 432 -1.69 -17.29 13.88
N HIS A 433 -2.12 -16.86 12.70
CA HIS A 433 -2.83 -17.77 11.81
C HIS A 433 -1.86 -18.67 11.05
N LEU A 434 -2.42 -19.75 10.48
CA LEU A 434 -1.69 -20.56 9.50
C LEU A 434 -2.72 -21.13 8.53
N HIS A 435 -2.27 -21.48 7.33
CA HIS A 435 -3.21 -21.82 6.26
C HIS A 435 -2.56 -22.84 5.34
N ALA A 436 -3.17 -24.03 5.23
CA ALA A 436 -2.71 -25.08 4.31
C ALA A 436 -3.53 -25.01 3.03
N SER A 437 -2.91 -25.34 1.90
CA SER A 437 -3.60 -25.06 0.64
C SER A 437 -4.88 -25.87 0.53
N LEU A 438 -5.97 -25.17 0.18
CA LEU A 438 -7.33 -25.69 -0.02
C LEU A 438 -7.95 -26.18 1.28
N CYS A 439 -7.40 -25.76 2.42
CA CYS A 439 -7.81 -26.28 3.72
C CYS A 439 -9.28 -26.04 4.03
N GLU A 440 -9.89 -24.98 3.47
CA GLU A 440 -11.31 -24.70 3.74
C GLU A 440 -12.27 -25.43 2.81
N THR A 441 -11.81 -26.46 2.09
CA THR A 441 -12.59 -27.20 1.11
C THR A 441 -12.38 -28.69 1.30
N ASN A 442 -13.29 -29.50 0.74
CA ASN A 442 -13.11 -30.95 0.77
C ASN A 442 -12.05 -31.41 -0.23
N GLU A 443 -11.37 -30.50 -0.90
CA GLU A 443 -10.24 -30.78 -1.78
C GLU A 443 -8.90 -30.45 -1.13
N ALA A 444 -8.87 -30.14 0.17
CA ALA A 444 -7.61 -29.83 0.83
C ALA A 444 -6.51 -30.77 0.35
N ASP A 445 -5.41 -30.21 -0.17
CA ASP A 445 -4.50 -31.03 -0.97
C ASP A 445 -3.17 -31.32 -0.27
N GLY A 446 -2.95 -30.77 0.93
CA GLY A 446 -1.81 -31.14 1.75
C GLY A 446 -0.47 -30.78 1.17
N LYS A 447 -0.41 -29.74 0.32
CA LYS A 447 0.85 -29.39 -0.34
CA LYS A 447 0.85 -29.39 -0.34
C LYS A 447 1.60 -28.26 0.34
N TRP A 448 0.97 -27.10 0.56
CA TRP A 448 1.67 -25.94 1.14
C TRP A 448 1.00 -25.47 2.42
N LEU A 449 1.82 -24.93 3.32
CA LEU A 449 1.36 -24.36 4.58
C LEU A 449 2.03 -23.01 4.74
N VAL A 450 1.26 -21.97 5.07
CA VAL A 450 1.83 -20.67 5.43
C VAL A 450 1.53 -20.41 6.90
N ALA A 451 2.56 -20.06 7.67
CA ALA A 451 2.38 -19.62 9.04
C ALA A 451 2.73 -18.15 9.10
N LEU A 452 1.83 -17.34 9.62
CA LEU A 452 1.97 -15.89 9.58
C LEU A 452 2.37 -15.41 10.98
N SER A 453 3.64 -15.10 11.15
CA SER A 453 4.22 -14.81 12.45
C SER A 453 4.34 -13.31 12.67
N LYS A 454 4.24 -12.89 13.93
CA LYS A 454 4.03 -11.47 14.19
C LYS A 454 5.30 -10.72 14.55
N PHE A 455 6.38 -11.41 14.88
CA PHE A 455 7.67 -10.81 15.22
C PHE A 455 8.73 -11.38 14.30
N SER A 456 9.28 -10.56 13.42
CA SER A 456 10.35 -11.04 12.55
C SER A 456 11.75 -10.82 13.14
N LYS A 457 11.90 -9.91 14.10
CA LYS A 457 13.18 -9.75 14.79
C LYS A 457 14.34 -9.65 13.80
N ASP A 458 15.22 -10.66 13.79
CA ASP A 458 16.45 -10.64 13.02
C ASP A 458 16.36 -11.40 11.69
N ARG A 459 15.16 -11.73 11.21
CA ARG A 459 15.10 -12.61 10.04
C ARG A 459 15.25 -11.86 8.74
N PHE A 460 15.21 -10.53 8.79
CA PHE A 460 15.40 -9.66 7.64
C PHE A 460 16.31 -8.52 8.07
N LEU A 461 16.95 -7.89 7.08
CA LEU A 461 17.68 -6.64 7.25
C LEU A 461 16.92 -5.69 8.18
N PRO A 462 17.60 -4.99 9.08
CA PRO A 462 16.91 -3.98 9.89
C PRO A 462 16.40 -2.86 9.00
N VAL A 463 15.22 -2.36 9.33
CA VAL A 463 14.59 -1.26 8.58
C VAL A 463 14.00 -0.25 9.55
N GLY A 464 14.62 -0.11 10.73
CA GLY A 464 14.16 0.87 11.70
C GLY A 464 13.21 0.28 12.72
N PRO A 465 12.57 1.12 13.55
CA PRO A 465 11.80 0.58 14.68
C PRO A 465 10.64 -0.32 14.28
N LEU A 466 9.99 -0.04 13.16
CA LEU A 466 8.89 -0.86 12.68
C LEU A 466 9.43 -2.01 11.85
N HIS A 467 9.08 -3.26 12.22
CA HIS A 467 9.58 -4.45 11.53
C HIS A 467 8.49 -5.08 10.68
N PRO A 468 8.85 -5.80 9.61
CA PRO A 468 7.85 -6.53 8.81
C PRO A 468 7.40 -7.79 9.56
N GLU A 469 6.19 -8.25 9.24
CA GLU A 469 5.75 -9.59 9.63
C GLU A 469 6.55 -10.63 8.84
N ASN A 470 6.58 -11.85 9.35
CA ASN A 470 7.27 -12.97 8.69
C ASN A 470 6.26 -14.04 8.32
N ASP A 471 5.84 -14.11 7.06
CA ASP A 471 4.96 -15.18 6.61
C ASP A 471 5.81 -16.28 5.99
N GLN A 472 5.84 -17.46 6.63
CA GLN A 472 6.81 -18.49 6.29
C GLN A 472 6.13 -19.61 5.50
N LEU A 473 6.71 -19.96 4.35
CA LEU A 473 6.20 -21.06 3.54
C LEU A 473 6.83 -22.37 4.01
N ILE A 474 5.98 -23.36 4.24
CA ILE A 474 6.35 -24.66 4.79
C ILE A 474 5.84 -25.74 3.84
N ASP A 475 6.71 -26.66 3.44
CA ASP A 475 6.32 -27.79 2.61
C ASP A 475 5.69 -28.85 3.51
N ILE A 476 4.41 -29.15 3.28
CA ILE A 476 3.77 -30.23 4.02
C ILE A 476 3.42 -31.41 3.10
N SER A 477 4.01 -31.48 1.91
CA SER A 477 3.61 -32.52 0.97
C SER A 477 4.02 -33.89 1.48
N GLY A 478 5.06 -33.97 2.31
CA GLY A 478 5.58 -35.24 2.79
C GLY A 478 5.30 -35.45 4.26
N ASP A 479 5.97 -36.45 4.82
CA ASP A 479 5.74 -36.78 6.23
C ASP A 479 6.26 -35.69 7.17
N GLU A 480 7.30 -34.96 6.79
CA GLU A 480 7.90 -33.93 7.63
C GLU A 480 7.60 -32.54 7.06
N MET A 481 7.08 -31.65 7.90
CA MET A 481 7.05 -30.24 7.57
C MET A 481 8.48 -29.77 7.35
N LYS A 482 8.70 -28.99 6.29
CA LYS A 482 10.00 -28.40 6.01
C LYS A 482 9.83 -26.90 5.75
N LEU A 483 10.55 -26.06 6.51
CA LEU A 483 10.48 -24.62 6.28
C LEU A 483 11.29 -24.26 5.04
N VAL A 484 10.69 -23.55 4.08
CA VAL A 484 11.42 -23.30 2.83
C VAL A 484 11.53 -21.83 2.45
N HIS A 485 10.73 -20.92 3.00
CA HIS A 485 10.82 -19.53 2.62
C HIS A 485 10.30 -18.60 3.71
N ASP A 486 11.05 -17.54 4.04
CA ASP A 486 10.62 -16.47 4.94
C ASP A 486 10.11 -15.31 4.08
N GLY A 487 8.84 -14.94 4.25
CA GLY A 487 8.27 -13.86 3.47
C GLY A 487 7.91 -12.64 4.30
N PRO A 488 8.70 -11.56 4.16
CA PRO A 488 8.40 -10.33 4.91
C PRO A 488 7.16 -9.68 4.34
N THR A 489 6.28 -9.18 5.22
CA THR A 489 5.09 -8.50 4.73
C THR A 489 4.77 -7.31 5.62
N PHE A 490 4.04 -6.35 5.06
CA PHE A 490 3.81 -5.07 5.72
C PHE A 490 2.48 -5.09 6.46
N ALA A 491 2.46 -4.53 7.67
CA ALA A 491 1.22 -4.16 8.35
C ALA A 491 0.41 -5.37 8.78
N GLU A 492 1.05 -6.49 9.01
CA GLU A 492 0.38 -7.57 9.72
C GLU A 492 -0.81 -8.12 8.96
N PRO A 493 -0.59 -8.75 7.82
CA PRO A 493 -1.62 -9.63 7.29
C PRO A 493 -2.01 -10.59 8.42
N HIS A 494 -3.29 -10.84 8.61
CA HIS A 494 -3.42 -11.79 9.72
C HIS A 494 -3.53 -13.21 9.20
N ASP A 495 -4.31 -13.39 8.17
CA ASP A 495 -4.63 -14.67 7.58
C ASP A 495 -4.53 -14.51 6.07
N CYS A 496 -4.48 -15.63 5.37
CA CYS A 496 -4.39 -15.62 3.92
C CYS A 496 -5.17 -16.82 3.44
N ILE A 497 -5.37 -16.91 2.13
CA ILE A 497 -6.09 -18.06 1.56
C ILE A 497 -5.47 -18.38 0.21
N MET A 498 -5.26 -19.65 -0.07
CA MET A 498 -4.65 -20.07 -1.32
C MET A 498 -5.71 -20.72 -2.23
N ALA A 499 -5.53 -20.55 -3.54
CA ALA A 499 -6.40 -21.22 -4.51
C ALA A 499 -5.51 -21.74 -5.64
N ARG A 500 -5.89 -22.89 -6.20
CA ARG A 500 -5.20 -23.41 -7.37
C ARG A 500 -5.28 -22.41 -8.50
N ARG A 501 -4.22 -22.33 -9.31
CA ARG A 501 -4.25 -21.50 -10.52
C ARG A 501 -5.54 -21.70 -11.32
N ASP A 502 -5.97 -22.95 -11.49
CA ASP A 502 -7.14 -23.25 -12.31
C ASP A 502 -8.46 -22.99 -11.58
N GLN A 503 -8.43 -22.55 -10.33
CA GLN A 503 -9.66 -22.15 -9.68
C GLN A 503 -10.02 -20.68 -9.89
N ILE A 504 -9.12 -19.89 -10.46
CA ILE A 504 -9.30 -18.45 -10.61
C ILE A 504 -9.30 -18.13 -12.08
N LYS A 505 -10.34 -17.47 -12.57
CA LYS A 505 -10.40 -17.07 -13.97
C LYS A 505 -10.63 -15.56 -14.07
N THR A 506 -9.71 -14.85 -14.70
CA THR A 506 -9.79 -13.39 -14.70
C THR A 506 -10.04 -12.84 -16.09
N LYS A 507 -10.57 -11.62 -16.13
CA LYS A 507 -10.76 -10.91 -17.39
C LYS A 507 -9.45 -10.25 -17.81
N LYS A 508 -9.19 -10.25 -19.11
CA LYS A 508 -8.01 -9.59 -19.65
C LYS A 508 -8.29 -8.12 -19.92
N ILE A 509 -9.53 -7.79 -20.26
CA ILE A 509 -9.92 -6.40 -20.48
C ILE A 509 -11.34 -6.29 -19.94
N TRP A 510 -11.72 -5.05 -19.65
CA TRP A 510 -13.05 -4.82 -19.09
C TRP A 510 -14.14 -5.10 -20.11
N ASP A 511 -15.29 -5.55 -19.60
CA ASP A 511 -16.53 -5.55 -20.37
C ASP A 511 -17.17 -4.17 -20.27
N ARG A 512 -17.69 -3.67 -21.40
CA ARG A 512 -18.28 -2.33 -21.38
C ARG A 512 -19.53 -2.27 -20.51
N ASN A 513 -20.22 -3.39 -20.30
CA ASN A 513 -21.41 -3.43 -19.45
C ASN A 513 -21.11 -3.76 -18.00
N ASP A 514 -19.84 -3.68 -17.58
CA ASP A 514 -19.52 -4.13 -16.24
C ASP A 514 -20.29 -3.33 -15.19
N PRO A 515 -20.94 -3.99 -14.22
CA PRO A 515 -21.59 -3.28 -13.10
C PRO A 515 -20.68 -2.33 -12.32
N PHE A 516 -19.37 -2.59 -12.26
CA PHE A 516 -18.46 -1.74 -11.51
C PHE A 516 -18.61 -0.25 -11.87
N PHE A 517 -18.83 0.08 -13.15
CA PHE A 517 -19.04 1.48 -13.52
C PHE A 517 -20.38 1.71 -14.21
N ALA A 518 -21.33 0.80 -14.05
CA ALA A 518 -22.67 1.03 -14.55
C ALA A 518 -23.29 2.34 -14.08
N PRO A 519 -23.16 2.76 -12.83
CA PRO A 519 -23.71 4.08 -12.48
C PRO A 519 -23.12 5.20 -13.31
N THR A 520 -21.86 5.10 -13.72
CA THR A 520 -21.26 6.15 -14.52
C THR A 520 -21.79 6.11 -15.95
N VAL A 521 -22.00 4.91 -16.47
CA VAL A 521 -22.65 4.76 -17.76
C VAL A 521 -24.04 5.40 -17.71
N GLU A 522 -24.75 5.24 -16.60
CA GLU A 522 -26.08 5.85 -16.46
C GLU A 522 -26.04 7.37 -16.47
N MET A 523 -25.11 7.95 -15.71
CA MET A 523 -24.87 9.40 -15.77
C MET A 523 -24.64 9.86 -17.20
N ALA A 524 -23.72 9.20 -17.90
CA ALA A 524 -23.44 9.57 -19.27
C ALA A 524 -24.70 9.52 -20.12
N LYS A 525 -25.52 8.46 -19.95
CA LYS A 525 -26.76 8.36 -20.70
C LYS A 525 -27.67 9.58 -20.46
N LYS A 526 -27.77 10.04 -19.21
CA LYS A 526 -28.58 11.23 -18.95
C LYS A 526 -28.04 12.45 -19.69
N ASP A 527 -26.73 12.54 -19.89
CA ASP A 527 -26.16 13.65 -20.64
C ASP A 527 -26.15 13.38 -22.14
N GLY A 528 -26.71 12.27 -22.58
CA GLY A 528 -26.75 11.97 -24.01
C GLY A 528 -25.40 11.60 -24.59
N ILE A 529 -24.53 11.00 -23.78
CA ILE A 529 -23.15 10.74 -24.14
C ILE A 529 -22.99 9.27 -24.50
N ASN A 530 -22.35 9.00 -25.64
CA ASN A 530 -21.88 7.65 -25.99
C ASN A 530 -20.41 7.58 -25.55
N LEU A 531 -20.16 6.86 -24.46
CA LEU A 531 -18.85 6.87 -23.84
C LEU A 531 -17.77 6.27 -24.72
N ASP A 532 -18.17 5.39 -25.65
CA ASP A 532 -17.22 4.74 -26.55
C ASP A 532 -16.68 5.67 -27.63
N THR A 533 -17.37 6.77 -27.93
CA THR A 533 -16.93 7.68 -28.99
C THR A 533 -16.80 9.13 -28.57
N ASP A 534 -17.49 9.61 -27.54
CA ASP A 534 -17.72 11.03 -27.39
C ASP A 534 -16.59 11.74 -26.65
N ASN A 535 -16.32 12.97 -27.07
CA ASN A 535 -15.33 13.86 -26.46
C ASN A 535 -16.00 15.23 -26.31
N LYS A 536 -16.58 15.49 -25.15
CA LYS A 536 -17.51 16.60 -25.00
C LYS A 536 -17.40 17.20 -23.60
N VAL A 537 -17.71 18.49 -23.51
CA VAL A 537 -17.76 19.18 -22.23
C VAL A 537 -19.19 19.65 -22.03
N ILE A 538 -19.86 19.14 -20.99
CA ILE A 538 -21.25 19.50 -20.67
C ILE A 538 -21.19 20.56 -19.59
N ARG A 539 -21.85 21.70 -19.82
CA ARG A 539 -21.96 22.77 -18.82
C ARG A 539 -23.33 22.70 -18.17
N ASP A 540 -23.35 22.81 -16.85
CA ASP A 540 -24.60 22.70 -16.10
C ASP A 540 -24.51 23.62 -14.87
N GLY A 541 -24.75 24.91 -15.08
CA GLY A 541 -24.54 25.85 -13.98
C GLY A 541 -23.08 25.94 -13.60
N ASN A 542 -22.77 25.75 -12.32
CA ASN A 542 -21.37 25.70 -11.92
C ASN A 542 -20.83 24.28 -11.91
N LYS A 543 -21.53 23.35 -12.55
CA LYS A 543 -21.05 22.00 -12.72
C LYS A 543 -20.57 21.84 -14.16
N VAL A 544 -19.46 21.13 -14.34
CA VAL A 544 -18.88 20.87 -15.65
C VAL A 544 -18.57 19.38 -15.72
N ARG A 545 -19.11 18.70 -16.73
CA ARG A 545 -18.86 17.26 -16.88
C ARG A 545 -18.13 17.01 -18.19
N VAL A 546 -16.82 16.72 -18.11
CA VAL A 546 -16.00 16.43 -19.28
C VAL A 546 -16.12 14.94 -19.54
N TYR A 547 -16.42 14.55 -20.77
CA TYR A 547 -16.36 13.16 -21.17
C TYR A 547 -15.36 13.02 -22.28
N MET A 548 -14.44 12.05 -22.18
CA MET A 548 -13.45 11.87 -23.21
C MET A 548 -13.13 10.40 -23.39
N THR A 549 -12.80 10.02 -24.62
CA THR A 549 -12.11 8.76 -24.84
C THR A 549 -10.62 8.98 -24.62
N SER A 550 -9.85 7.91 -24.62
CA SER A 550 -8.40 8.02 -24.56
C SER A 550 -7.79 6.88 -25.36
N MET A 551 -6.70 7.18 -26.06
CA MET A 551 -5.94 6.21 -26.85
C MET A 551 -4.51 6.70 -26.93
N ALA A 552 -3.57 5.95 -26.36
CA ALA A 552 -2.21 6.45 -26.24
C ALA A 552 -1.71 6.87 -27.62
N PRO A 553 -1.00 8.00 -27.73
CA PRO A 553 -0.63 8.78 -26.57
C PRO A 553 -1.41 10.09 -26.48
N ALA A 554 -2.73 10.08 -26.66
CA ALA A 554 -3.50 11.32 -26.57
C ALA A 554 -4.78 11.12 -25.78
N PHE A 555 -5.02 12.02 -24.83
CA PHE A 555 -6.36 12.17 -24.25
C PHE A 555 -7.32 12.64 -25.34
N GLY A 556 -8.55 12.15 -25.30
CA GLY A 556 -9.53 12.54 -26.30
C GLY A 556 -9.98 13.99 -26.17
N VAL A 557 -9.85 14.57 -24.98
CA VAL A 557 -10.10 15.98 -24.74
C VAL A 557 -8.81 16.54 -24.16
N GLN A 558 -8.11 17.41 -24.89
CA GLN A 558 -6.78 17.85 -24.50
C GLN A 558 -6.77 19.22 -23.83
N GLU A 559 -7.90 19.93 -23.83
CA GLU A 559 -7.99 21.17 -23.08
C GLU A 559 -9.46 21.44 -22.84
N PHE A 560 -9.73 22.09 -21.71
CA PHE A 560 -11.07 22.60 -21.48
C PHE A 560 -10.96 23.75 -20.50
N THR A 561 -11.98 24.57 -20.49
CA THR A 561 -11.99 25.84 -19.78
C THR A 561 -13.18 25.86 -18.84
N VAL A 562 -12.95 26.25 -17.60
CA VAL A 562 -13.99 26.33 -16.59
C VAL A 562 -13.83 27.65 -15.85
N LYS A 563 -14.79 27.94 -14.98
CA LYS A 563 -14.80 29.11 -14.12
C LYS A 563 -14.31 28.73 -12.74
N GLN A 564 -13.52 29.61 -12.11
CA GLN A 564 -13.04 29.34 -10.76
C GLN A 564 -14.21 28.99 -9.85
N GLY A 565 -14.05 27.95 -9.04
CA GLY A 565 -15.13 27.46 -8.22
C GLY A 565 -16.01 26.38 -8.83
N ASP A 566 -15.90 26.11 -10.13
CA ASP A 566 -16.76 25.09 -10.76
C ASP A 566 -16.45 23.73 -10.17
N GLU A 567 -17.47 22.89 -10.10
CA GLU A 567 -17.26 21.49 -9.71
C GLU A 567 -17.12 20.66 -10.98
N VAL A 568 -15.90 20.15 -11.23
CA VAL A 568 -15.55 19.46 -12.47
C VAL A 568 -15.59 17.94 -12.26
N THR A 569 -16.35 17.23 -13.08
CA THR A 569 -16.24 15.78 -13.18
C THR A 569 -15.55 15.43 -14.48
N VAL A 570 -14.49 14.61 -14.42
CA VAL A 570 -13.82 14.12 -15.63
C VAL A 570 -14.05 12.62 -15.75
N THR A 571 -14.66 12.22 -16.86
CA THR A 571 -14.99 10.83 -17.13
C THR A 571 -14.16 10.40 -18.33
N ILE A 572 -13.38 9.33 -18.17
CA ILE A 572 -12.43 8.89 -19.18
C ILE A 572 -12.70 7.44 -19.49
N THR A 573 -12.83 7.11 -20.78
CA THR A 573 -13.02 5.75 -21.26
C THR A 573 -11.76 5.34 -22.04
N ASN A 574 -11.10 4.28 -21.59
CA ASN A 574 -9.93 3.75 -22.28
C ASN A 574 -10.42 2.86 -23.41
N ILE A 575 -10.27 3.30 -24.66
CA ILE A 575 -10.76 2.53 -25.79
C ILE A 575 -9.66 1.69 -26.45
N ASP A 576 -8.47 1.63 -25.84
CA ASP A 576 -7.47 0.62 -26.24
C ASP A 576 -8.04 -0.79 -26.01
N GLN A 577 -7.73 -1.69 -26.93
CA GLN A 577 -8.12 -3.09 -26.78
C GLN A 577 -6.93 -4.00 -26.44
N ILE A 578 -5.73 -3.43 -26.32
CA ILE A 578 -4.54 -4.22 -26.05
C ILE A 578 -4.42 -4.45 -24.55
N GLU A 579 -4.33 -5.71 -24.15
CA GLU A 579 -4.10 -6.07 -22.75
C GLU A 579 -2.89 -5.35 -22.18
N ASP A 580 -3.01 -4.90 -20.94
CA ASP A 580 -1.92 -4.31 -20.18
C ASP A 580 -1.74 -2.82 -20.50
N VAL A 581 -2.43 -2.24 -21.49
CA VAL A 581 -2.20 -0.80 -21.82
C VAL A 581 -3.17 0.00 -20.97
N SER A 582 -2.80 0.19 -19.70
CA SER A 582 -3.58 1.02 -18.81
C SER A 582 -3.15 2.49 -18.93
N TYR A 583 -4.11 3.40 -18.77
CA TYR A 583 -3.85 4.84 -18.73
C TYR A 583 -4.11 5.35 -17.32
N GLY A 584 -3.68 6.60 -17.07
CA GLY A 584 -3.96 7.25 -15.81
C GLY A 584 -4.46 8.66 -16.10
N PHE A 585 -4.86 9.35 -15.04
CA PHE A 585 -5.26 10.74 -15.15
C PHE A 585 -4.92 11.42 -13.82
N VAL A 586 -4.09 12.44 -13.88
CA VAL A 586 -3.68 13.24 -12.72
C VAL A 586 -3.89 14.70 -13.06
N VAL A 587 -4.53 15.44 -12.17
CA VAL A 587 -4.62 16.89 -12.30
C VAL A 587 -3.60 17.50 -11.33
N VAL A 588 -2.64 18.26 -11.85
CA VAL A 588 -1.51 18.69 -11.01
C VAL A 588 -2.01 19.62 -9.92
N ASN A 589 -1.55 19.36 -8.69
CA ASN A 589 -1.81 20.19 -7.49
C ASN A 589 -3.30 20.26 -7.14
N HIS A 590 -4.10 19.30 -7.57
CA HIS A 590 -5.51 19.25 -7.18
C HIS A 590 -5.90 17.99 -6.39
N GLY A 591 -4.96 17.10 -6.07
CA GLY A 591 -5.26 15.86 -5.36
C GLY A 591 -6.09 14.85 -6.15
N VAL A 592 -5.90 14.80 -7.47
CA VAL A 592 -6.77 14.04 -8.37
C VAL A 592 -5.91 13.00 -9.07
N SER A 593 -6.28 11.72 -8.96
CA SER A 593 -5.48 10.64 -9.54
C SER A 593 -6.38 9.42 -9.78
N MET A 594 -6.33 8.82 -10.97
CA MET A 594 -7.08 7.58 -11.15
C MET A 594 -6.54 6.75 -12.32
N GLU A 595 -6.83 5.44 -12.26
CA GLU A 595 -6.53 4.46 -13.31
C GLU A 595 -7.69 4.32 -14.28
N ILE A 596 -7.38 4.15 -15.57
CA ILE A 596 -8.36 3.71 -16.57
C ILE A 596 -7.72 2.59 -17.40
N SER A 597 -8.09 1.34 -17.11
CA SER A 597 -7.56 0.16 -17.83
C SER A 597 -8.37 -0.10 -19.10
N PRO A 598 -7.91 -1.02 -19.98
CA PRO A 598 -8.58 -1.18 -21.29
C PRO A 598 -10.06 -1.47 -21.18
N GLN A 599 -10.86 -0.68 -21.91
CA GLN A 599 -12.32 -0.72 -21.97
C GLN A 599 -13.01 -0.34 -20.66
N GLN A 600 -12.27 0.21 -19.72
CA GLN A 600 -12.86 0.76 -18.50
C GLN A 600 -13.32 2.20 -18.73
N THR A 601 -14.40 2.60 -18.04
CA THR A 601 -14.74 4.01 -17.82
C THR A 601 -14.51 4.34 -16.35
N SER A 602 -13.77 5.40 -16.08
CA SER A 602 -13.53 5.86 -14.72
CA SER A 602 -13.54 5.86 -14.73
C SER A 602 -13.86 7.35 -14.65
N SER A 603 -14.28 7.81 -13.46
CA SER A 603 -14.61 9.24 -13.35
C SER A 603 -14.23 9.77 -11.98
N ILE A 604 -13.97 11.07 -11.93
CA ILE A 604 -13.52 11.70 -10.69
C ILE A 604 -13.98 13.14 -10.68
N THR A 605 -14.33 13.62 -9.49
CA THR A 605 -14.91 14.94 -9.32
C THR A 605 -14.06 15.77 -8.37
N PHE A 606 -13.83 17.04 -8.74
CA PHE A 606 -12.98 17.92 -7.93
C PHE A 606 -13.43 19.34 -8.22
N VAL A 607 -13.10 20.30 -7.35
CA VAL A 607 -13.45 21.69 -7.64
C VAL A 607 -12.22 22.44 -8.13
N ALA A 608 -12.40 23.18 -9.21
CA ALA A 608 -11.35 24.01 -9.80
C ALA A 608 -11.24 25.27 -8.95
N ASP A 609 -10.58 25.15 -7.79
CA ASP A 609 -10.55 26.29 -6.88
C ASP A 609 -9.39 27.25 -7.14
N LYS A 610 -8.60 27.01 -8.19
CA LYS A 610 -7.40 27.82 -8.45
C LYS A 610 -7.40 28.41 -9.84
N PRO A 611 -7.40 29.74 -9.99
CA PRO A 611 -7.39 30.32 -11.32
C PRO A 611 -6.09 29.96 -12.01
N GLY A 612 -6.10 30.02 -13.33
CA GLY A 612 -4.88 29.84 -14.10
C GLY A 612 -4.91 28.57 -14.93
N LEU A 613 -3.75 28.27 -15.51
CA LEU A 613 -3.57 27.07 -16.31
C LEU A 613 -3.07 25.95 -15.40
N HIS A 614 -3.75 24.80 -15.46
CA HIS A 614 -3.46 23.65 -14.60
C HIS A 614 -3.34 22.40 -15.45
N TRP A 615 -2.14 21.82 -15.48
CA TRP A 615 -1.86 20.70 -16.36
C TRP A 615 -2.48 19.42 -15.81
N TYR A 616 -2.90 18.55 -16.72
CA TYR A 616 -3.20 17.16 -16.36
C TYR A 616 -2.40 16.19 -17.23
N TYR A 617 -2.16 14.98 -16.72
CA TYR A 617 -1.29 14.08 -17.46
C TYR A 617 -1.65 12.62 -17.19
N CYS A 618 -1.23 11.75 -18.11
CA CYS A 618 -1.44 10.32 -17.97
C CYS A 618 -0.38 9.75 -17.03
N SER A 619 -0.80 9.16 -15.92
CA SER A 619 0.16 8.68 -14.93
C SER A 619 0.74 7.30 -15.24
N TRP A 620 0.15 6.54 -16.14
CA TRP A 620 0.54 5.14 -16.36
C TRP A 620 1.42 5.05 -17.59
N PHE A 621 2.69 4.72 -17.44
CA PHE A 621 3.56 4.65 -18.60
C PHE A 621 2.96 3.69 -19.61
N CYS A 622 2.67 4.20 -20.81
CA CYS A 622 1.75 3.50 -21.70
C CYS A 622 2.20 3.47 -23.14
N HIS A 623 3.34 4.08 -23.47
CA HIS A 623 3.66 4.44 -24.84
C HIS A 623 5.00 5.16 -24.82
N ALA A 624 5.75 5.12 -25.94
CA ALA A 624 6.99 5.88 -26.02
C ALA A 624 6.75 7.36 -25.79
N LEU A 625 5.57 7.87 -26.15
CA LEU A 625 5.22 9.27 -25.93
C LEU A 625 4.37 9.47 -24.67
N HIS A 626 4.60 8.66 -23.65
CA HIS A 626 3.89 8.82 -22.37
C HIS A 626 4.05 10.22 -21.82
N MET A 627 5.29 10.76 -21.78
CA MET A 627 5.51 12.05 -21.13
C MET A 627 4.68 13.14 -21.76
N GLU A 628 4.39 13.00 -23.05
CA GLU A 628 3.69 13.99 -23.85
C GLU A 628 2.19 13.74 -23.91
N MET A 629 1.68 12.75 -23.16
CA MET A 629 0.24 12.47 -23.09
C MET A 629 -0.35 13.31 -21.95
N VAL A 630 -0.65 14.56 -22.28
CA VAL A 630 -0.99 15.60 -21.31
C VAL A 630 -2.13 16.45 -21.88
N GLY A 631 -2.72 17.27 -21.01
CA GLY A 631 -3.73 18.22 -21.38
C GLY A 631 -3.72 19.41 -20.42
N ARG A 632 -4.57 20.40 -20.72
CA ARG A 632 -4.61 21.66 -19.96
C ARG A 632 -6.03 21.95 -19.54
N MET A 633 -6.23 22.18 -18.24
CA MET A 633 -7.44 22.80 -17.71
C MET A 633 -7.20 24.29 -17.47
N MET A 634 -8.02 25.12 -18.07
CA MET A 634 -7.88 26.57 -17.93
C MET A 634 -9.02 27.11 -17.07
N VAL A 635 -8.67 27.78 -15.98
CA VAL A 635 -9.64 28.20 -14.97
C VAL A 635 -9.71 29.73 -14.94
N GLU A 636 -10.82 30.28 -15.40
CA GLU A 636 -11.02 31.72 -15.47
C GLU A 636 -11.37 32.27 -14.09
N PRO A 637 -10.73 33.36 -13.68
CA PRO A 637 -10.94 33.89 -12.34
C PRO A 637 -12.27 34.62 -12.18
N ALA A 638 -12.61 34.91 -10.93
CA ALA A 638 -13.64 35.89 -10.56
C ALA A 638 -14.95 35.70 -11.29
N GLN B 58 27.82 -15.57 -7.53
CA GLN B 58 27.00 -14.61 -6.77
C GLN B 58 25.68 -15.24 -6.37
N LYS B 59 25.43 -15.34 -5.07
CA LYS B 59 24.20 -15.96 -4.60
C LYS B 59 22.99 -15.17 -5.09
N ILE B 60 21.99 -15.87 -5.56
CA ILE B 60 20.75 -15.26 -6.01
C ILE B 60 19.58 -15.53 -5.08
N HIS B 61 19.62 -16.63 -4.33
CA HIS B 61 18.53 -17.00 -3.43
C HIS B 61 18.96 -16.76 -1.99
N VAL B 62 18.10 -16.13 -1.22
CA VAL B 62 18.36 -15.86 0.17
C VAL B 62 17.44 -16.78 0.98
N GLY B 63 18.02 -17.76 1.64
CA GLY B 63 17.23 -18.75 2.34
C GLY B 63 16.81 -18.28 3.71
N PRO B 64 15.96 -19.07 4.35
CA PRO B 64 15.50 -18.72 5.70
C PRO B 64 16.68 -18.51 6.63
N GLY B 65 16.67 -17.38 7.34
CA GLY B 65 17.74 -17.04 8.25
C GLY B 65 18.93 -16.36 7.61
N GLU B 66 19.02 -16.33 6.29
CA GLU B 66 20.02 -15.53 5.60
C GLU B 66 19.48 -14.12 5.35
N LEU B 67 20.38 -13.15 5.32
CA LEU B 67 20.00 -11.77 5.05
C LEU B 67 20.42 -11.36 3.64
N ASP B 68 19.69 -10.41 3.06
CA ASP B 68 20.07 -9.82 1.79
C ASP B 68 21.40 -9.06 1.93
N ASP B 69 22.09 -8.89 0.80
CA ASP B 69 23.36 -8.15 0.77
C ASP B 69 23.20 -6.65 0.56
N TYR B 70 22.11 -6.20 -0.05
CA TYR B 70 21.88 -4.79 -0.34
C TYR B 70 20.47 -4.40 0.07
N TYR B 71 20.30 -3.13 0.45
CA TYR B 71 18.98 -2.52 0.49
C TYR B 71 18.61 -2.01 -0.89
N GLY B 72 17.33 -2.08 -1.22
CA GLY B 72 16.81 -1.40 -2.39
C GLY B 72 15.72 -0.44 -1.99
N PHE B 73 15.74 0.78 -2.51
CA PHE B 73 14.70 1.76 -2.20
C PHE B 73 13.94 2.02 -3.49
N TRP B 74 12.74 1.48 -3.57
CA TRP B 74 11.94 1.55 -4.76
C TRP B 74 11.02 2.76 -4.62
N SER B 75 10.89 3.53 -5.68
CA SER B 75 9.80 4.48 -5.72
C SER B 75 8.46 3.73 -5.76
N GLY B 76 7.42 4.35 -5.21
CA GLY B 76 6.10 3.79 -5.33
C GLY B 76 5.32 4.20 -6.56
N GLY B 77 5.89 4.99 -7.44
CA GLY B 77 5.11 5.45 -8.58
C GLY B 77 3.89 6.23 -8.13
N HIS B 78 2.76 6.03 -8.86
CA HIS B 78 1.59 6.84 -8.53
C HIS B 78 0.83 6.33 -7.33
N GLN B 79 1.31 5.28 -6.67
CA GLN B 79 0.78 4.87 -5.38
C GLN B 79 1.30 5.76 -4.25
N GLY B 80 2.48 6.35 -4.40
CA GLY B 80 2.88 7.46 -3.56
C GLY B 80 3.81 7.18 -2.41
N GLU B 81 4.17 5.92 -2.15
CA GLU B 81 5.07 5.58 -1.03
C GLU B 81 6.48 5.28 -1.52
N VAL B 82 7.36 4.98 -0.59
CA VAL B 82 8.66 4.41 -0.88
C VAL B 82 8.68 2.99 -0.31
N ARG B 83 9.33 2.07 -1.01
CA ARG B 83 9.35 0.67 -0.59
C ARG B 83 10.80 0.24 -0.38
N VAL B 84 11.05 -0.44 0.71
CA VAL B 84 12.39 -0.91 1.02
C VAL B 84 12.42 -2.38 0.68
N LEU B 85 13.30 -2.77 -0.26
CA LEU B 85 13.47 -4.15 -0.66
C LEU B 85 14.79 -4.70 -0.17
N GLY B 86 14.84 -6.02 -0.07
CA GLY B 86 16.10 -6.75 0.09
C GLY B 86 16.54 -7.22 -1.27
N VAL B 87 17.83 -7.04 -1.55
CA VAL B 87 18.46 -7.48 -2.79
C VAL B 87 19.60 -8.44 -2.43
N PRO B 88 19.71 -9.60 -3.10
CA PRO B 88 18.98 -9.99 -4.32
C PRO B 88 17.65 -10.73 -4.13
N SER B 89 17.12 -10.84 -2.93
CA SER B 89 15.87 -11.59 -2.83
C SER B 89 14.70 -10.86 -3.48
N MET B 90 14.79 -9.53 -3.59
CA MET B 90 13.75 -8.68 -4.20
C MET B 90 12.46 -8.70 -3.40
N ARG B 91 12.52 -9.12 -2.14
CA ARG B 91 11.35 -9.09 -1.26
C ARG B 91 11.22 -7.70 -0.65
N GLU B 92 9.99 -7.27 -0.47
CA GLU B 92 9.72 -5.97 0.13
C GLU B 92 9.79 -6.12 1.64
N LEU B 93 10.73 -5.42 2.27
CA LEU B 93 10.93 -5.47 3.72
C LEU B 93 10.07 -4.45 4.46
N MET B 94 9.77 -3.31 3.84
CA MET B 94 9.06 -2.24 4.51
C MET B 94 8.42 -1.34 3.47
N ARG B 95 7.37 -0.65 3.87
CA ARG B 95 6.78 0.43 3.10
C ARG B 95 6.89 1.70 3.93
N ILE B 96 7.34 2.77 3.29
CA ILE B 96 7.51 4.05 3.95
C ILE B 96 6.48 5.01 3.34
N PRO B 97 5.41 5.36 4.05
CA PRO B 97 4.44 6.28 3.44
C PRO B 97 5.05 7.67 3.33
N VAL B 98 4.73 8.33 2.20
CA VAL B 98 5.24 9.67 1.90
C VAL B 98 4.07 10.53 1.44
N PHE B 99 3.54 10.27 0.26
CA PHE B 99 2.43 11.08 -0.24
C PHE B 99 1.12 10.34 -0.19
N ASN B 100 1.14 9.03 0.06
CA ASN B 100 -0.06 8.28 0.30
C ASN B 100 -0.53 8.46 1.74
N VAL B 101 -1.79 8.08 1.97
CA VAL B 101 -2.36 7.99 3.32
C VAL B 101 -2.30 6.52 3.74
N ASP B 102 -1.54 6.22 4.80
CA ASP B 102 -1.34 4.85 5.24
C ASP B 102 -2.18 4.58 6.47
N SER B 103 -3.24 3.77 6.28
CA SER B 103 -4.11 3.29 7.35
C SER B 103 -3.32 2.61 8.48
N ALA B 104 -2.24 1.90 8.14
CA ALA B 104 -1.53 1.09 9.13
C ALA B 104 -0.80 1.96 10.16
N THR B 105 0.11 2.84 9.71
CA THR B 105 0.86 3.72 10.62
C THR B 105 0.10 4.99 10.97
N GLY B 106 -0.96 5.31 10.24
CA GLY B 106 -1.61 6.59 10.40
C GLY B 106 -0.95 7.77 9.70
N TRP B 107 0.03 7.55 8.83
CA TRP B 107 0.62 8.65 8.08
C TRP B 107 -0.43 9.34 7.22
N GLY B 108 -0.60 10.63 7.41
CA GLY B 108 -1.68 11.39 6.79
C GLY B 108 -2.89 11.58 7.68
N LEU B 109 -2.99 10.81 8.76
CA LEU B 109 -4.02 10.99 9.77
C LEU B 109 -3.47 11.58 11.07
N THR B 110 -2.30 11.12 11.53
CA THR B 110 -1.72 11.59 12.79
C THR B 110 -1.34 13.07 12.72
N ASN B 111 -1.21 13.70 13.89
CA ASN B 111 -0.78 15.09 13.89
C ASN B 111 0.68 15.23 13.46
N GLU B 112 1.53 14.27 13.80
CA GLU B 112 2.95 14.34 13.43
C GLU B 112 3.12 14.34 11.91
N SER B 113 2.41 13.46 11.23
CA SER B 113 2.55 13.35 9.79
C SER B 113 1.94 14.56 9.10
N ARG B 114 0.76 14.99 9.55
CA ARG B 114 0.13 16.15 8.90
C ARG B 114 0.94 17.43 9.10
N HIS B 115 1.57 17.60 10.27
CA HIS B 115 2.52 18.70 10.46
C HIS B 115 3.63 18.67 9.41
N ILE B 116 4.20 17.49 9.14
CA ILE B 116 5.27 17.39 8.16
C ILE B 116 4.76 17.72 6.77
N MET B 117 3.58 17.21 6.44
CA MET B 117 3.03 17.45 5.11
C MET B 117 2.55 18.89 4.96
N GLY B 118 2.29 19.58 6.07
CA GLY B 118 1.85 20.96 5.89
C GLY B 118 0.49 21.03 5.21
N ASP B 119 0.26 22.11 4.45
CA ASP B 119 -1.02 22.27 3.77
CA ASP B 119 -1.02 22.27 3.78
C ASP B 119 -1.29 21.15 2.77
N SER B 120 -0.24 20.56 2.21
CA SER B 120 -0.46 19.47 1.24
C SER B 120 -1.02 18.20 1.90
N ALA B 121 -1.17 18.17 3.23
CA ALA B 121 -1.85 17.06 3.91
C ALA B 121 -3.29 16.87 3.42
N LYS B 122 -3.87 17.86 2.75
CA LYS B 122 -5.19 17.71 2.17
C LYS B 122 -5.22 16.80 0.95
N PHE B 123 -4.07 16.53 0.33
CA PHE B 123 -4.01 15.61 -0.80
C PHE B 123 -3.78 14.19 -0.29
N LEU B 124 -4.54 13.24 -0.86
CA LEU B 124 -4.37 11.81 -0.55
C LEU B 124 -3.58 11.06 -1.62
N ASN B 125 -2.91 11.77 -2.54
CA ASN B 125 -2.21 11.12 -3.63
C ASN B 125 -0.84 11.75 -3.84
N GLY B 126 0.02 11.00 -4.51
CA GLY B 126 1.26 11.54 -5.00
C GLY B 126 1.67 10.70 -6.18
N ASP B 127 2.76 11.09 -6.83
CA ASP B 127 3.24 10.33 -7.97
C ASP B 127 4.77 10.40 -7.95
N CYS B 128 5.43 9.38 -7.41
CA CYS B 128 6.86 9.53 -7.20
C CYS B 128 7.66 8.55 -8.08
N HIS B 129 8.81 9.05 -8.59
CA HIS B 129 9.59 8.42 -9.65
C HIS B 129 11.05 8.16 -9.29
N HIS B 130 11.67 9.05 -8.53
CA HIS B 130 13.13 9.18 -8.46
C HIS B 130 13.68 9.23 -7.03
N PRO B 131 13.96 8.09 -6.41
CA PRO B 131 14.57 8.12 -5.07
C PRO B 131 16.09 8.15 -5.16
N HIS B 132 16.70 9.01 -4.33
CA HIS B 132 18.15 9.12 -4.32
C HIS B 132 18.67 9.32 -2.89
N ILE B 133 19.85 8.78 -2.66
CA ILE B 133 20.46 8.72 -1.33
C ILE B 133 21.51 9.81 -1.23
N SER B 134 21.56 10.48 -0.08
CA SER B 134 22.53 11.56 0.12
C SER B 134 23.96 11.04 0.04
N MET B 135 24.88 11.90 -0.39
CA MET B 135 26.25 11.49 -0.61
C MET B 135 27.23 12.42 0.09
N THR B 136 28.41 11.88 0.42
CA THR B 136 29.55 12.67 0.87
C THR B 136 30.73 12.27 0.00
N ASP B 137 31.32 13.24 -0.67
CA ASP B 137 32.47 13.00 -1.53
C ASP B 137 32.20 11.90 -2.56
N GLY B 138 31.01 11.93 -3.16
CA GLY B 138 30.71 10.96 -4.22
C GLY B 138 30.42 9.54 -3.77
N LYS B 139 30.17 9.33 -2.47
CA LYS B 139 29.79 8.02 -1.95
C LYS B 139 28.52 8.18 -1.10
N TYR B 140 27.66 7.15 -1.08
CA TYR B 140 26.46 7.25 -0.26
C TYR B 140 26.90 7.43 1.19
N ASP B 141 26.23 8.31 1.92
CA ASP B 141 26.49 8.41 3.34
C ASP B 141 25.35 7.86 4.19
N GLY B 142 24.23 7.48 3.58
CA GLY B 142 23.16 6.81 4.29
C GLY B 142 22.31 7.67 5.20
N LYS B 143 22.42 8.99 5.11
CA LYS B 143 21.65 9.84 6.01
C LYS B 143 20.21 9.99 5.55
N TYR B 144 20.01 10.43 4.30
CA TYR B 144 18.69 10.79 3.81
C TYR B 144 18.42 10.13 2.47
N LEU B 145 17.14 9.88 2.19
CA LEU B 145 16.67 9.59 0.86
C LEU B 145 15.67 10.68 0.47
N PHE B 146 15.76 11.16 -0.76
CA PHE B 146 14.82 12.16 -1.24
C PHE B 146 14.06 11.59 -2.42
N ILE B 147 12.87 12.12 -2.66
CA ILE B 147 12.05 11.64 -3.76
C ILE B 147 11.07 12.73 -4.16
N ASN B 148 10.67 12.73 -5.44
CA ASN B 148 9.77 13.72 -6.04
C ASN B 148 8.31 13.31 -5.91
N ASP B 149 7.43 14.31 -6.05
CA ASP B 149 5.99 14.09 -6.26
C ASP B 149 5.57 14.90 -7.48
N LYS B 150 5.33 14.20 -8.60
CA LYS B 150 4.92 14.89 -9.82
C LYS B 150 3.47 15.36 -9.75
N ALA B 151 2.63 14.71 -8.94
CA ALA B 151 1.20 15.00 -8.93
C ALA B 151 0.91 16.30 -8.20
N ASN B 152 1.53 16.52 -7.04
CA ASN B 152 1.28 17.79 -6.34
C ASN B 152 2.56 18.58 -6.07
N SER B 153 3.61 18.41 -6.89
CA SER B 153 4.73 19.35 -6.96
C SER B 153 5.48 19.46 -5.62
N ARG B 154 5.88 18.32 -5.07
CA ARG B 154 6.57 18.28 -3.78
C ARG B 154 7.89 17.53 -3.90
N VAL B 155 8.75 17.77 -2.91
CA VAL B 155 9.92 16.95 -2.66
C VAL B 155 9.81 16.46 -1.22
N ALA B 156 10.12 15.19 -0.98
CA ALA B 156 10.11 14.64 0.37
C ALA B 156 11.49 14.10 0.73
N ARG B 157 11.81 14.21 2.02
CA ARG B 157 13.02 13.64 2.60
C ARG B 157 12.61 12.52 3.55
N ILE B 158 13.28 11.37 3.40
CA ILE B 158 13.15 10.24 4.32
C ILE B 158 14.44 10.13 5.15
N ARG B 159 14.31 10.04 6.47
CA ARG B 159 15.46 9.81 7.33
C ARG B 159 15.75 8.32 7.41
N LEU B 160 16.92 7.92 6.93
CA LEU B 160 17.18 6.49 6.76
C LEU B 160 17.48 5.79 8.07
N ASP B 161 17.62 6.51 9.19
CA ASP B 161 17.81 5.84 10.48
C ASP B 161 16.48 5.35 11.07
N ILE B 162 15.39 6.11 10.90
CA ILE B 162 14.07 5.69 11.37
C ILE B 162 13.18 5.18 10.21
N MET B 163 13.65 5.26 8.97
CA MET B 163 12.88 4.92 7.76
C MET B 163 11.48 5.53 7.77
N LYS B 164 11.44 6.85 7.99
CA LYS B 164 10.21 7.62 7.87
C LYS B 164 10.50 8.91 7.12
N CYS B 165 9.48 9.39 6.41
CA CYS B 165 9.45 10.73 5.87
C CYS B 165 9.51 11.74 7.00
N ASP B 166 10.54 12.57 7.02
CA ASP B 166 10.64 13.53 8.11
C ASP B 166 10.49 14.98 7.64
N LYS B 167 10.56 15.26 6.34
CA LYS B 167 10.36 16.61 5.83
C LYS B 167 9.70 16.54 4.46
N MET B 168 8.95 17.58 4.13
CA MET B 168 8.29 17.66 2.84
C MET B 168 8.09 19.12 2.49
N ILE B 169 8.21 19.44 1.20
CA ILE B 169 8.08 20.82 0.74
C ILE B 169 7.27 20.83 -0.54
N THR B 170 6.39 21.80 -0.67
CA THR B 170 5.75 22.09 -1.95
C THR B 170 6.61 23.12 -2.68
N VAL B 171 7.14 22.76 -3.84
CA VAL B 171 8.02 23.69 -4.56
C VAL B 171 7.18 24.84 -5.08
N PRO B 172 7.49 26.09 -4.70
CA PRO B 172 6.61 27.20 -5.08
C PRO B 172 6.72 27.56 -6.56
N ASN B 173 5.59 28.00 -7.13
CA ASN B 173 5.55 28.66 -8.44
C ASN B 173 5.93 27.73 -9.58
N VAL B 174 5.67 26.43 -9.40
CA VAL B 174 5.96 25.43 -10.43
C VAL B 174 4.82 24.42 -10.47
N GLN B 175 4.77 23.66 -11.56
CA GLN B 175 3.87 22.51 -11.64
C GLN B 175 4.66 21.28 -12.03
N ALA B 176 4.50 20.22 -11.23
CA ALA B 176 4.95 18.87 -11.53
C ALA B 176 6.44 18.66 -11.33
N ILE B 177 6.84 18.25 -10.12
CA ILE B 177 8.25 17.92 -9.87
C ILE B 177 8.52 16.50 -10.38
N HIS B 178 9.35 16.38 -11.41
CA HIS B 178 9.59 15.11 -12.03
C HIS B 178 11.03 14.69 -11.79
N GLY B 179 11.97 15.01 -12.69
CA GLY B 179 13.37 14.73 -12.39
C GLY B 179 13.84 15.23 -11.03
N LEU B 180 14.67 14.43 -10.35
CA LEU B 180 15.30 14.80 -9.09
C LEU B 180 16.60 14.03 -8.95
N ARG B 181 17.69 14.71 -8.67
CA ARG B 181 18.92 14.05 -8.24
C ARG B 181 19.66 14.96 -7.28
N LEU B 182 20.71 14.42 -6.66
CA LEU B 182 21.42 15.05 -5.56
C LEU B 182 22.82 15.45 -5.96
N GLN B 183 23.26 16.61 -5.50
CA GLN B 183 24.66 16.98 -5.58
C GLN B 183 25.53 15.88 -4.96
N LYS B 184 26.65 15.59 -5.63
CA LYS B 184 27.56 14.52 -5.20
C LYS B 184 28.74 15.04 -4.39
N VAL B 185 29.32 16.17 -4.78
CA VAL B 185 30.58 16.67 -4.25
C VAL B 185 30.39 18.15 -3.89
N PRO B 186 30.92 18.62 -2.76
CA PRO B 186 31.67 17.78 -1.80
C PRO B 186 30.75 16.87 -0.99
N HIS B 187 29.44 17.15 -1.00
CA HIS B 187 28.40 16.32 -0.38
C HIS B 187 27.05 16.82 -0.91
N THR B 188 25.98 16.18 -0.47
CA THR B 188 24.64 16.57 -0.93
C THR B 188 24.23 17.85 -0.20
N LYS B 189 24.75 18.97 -0.70
CA LYS B 189 24.27 20.26 -0.21
C LYS B 189 22.89 20.58 -0.78
N TYR B 190 22.70 20.37 -2.08
CA TYR B 190 21.44 20.65 -2.77
C TYR B 190 20.78 19.37 -3.25
N VAL B 191 19.45 19.40 -3.23
CA VAL B 191 18.60 18.48 -3.96
C VAL B 191 18.17 19.24 -5.21
N PHE B 192 18.46 18.69 -6.38
CA PHE B 192 18.06 19.32 -7.62
C PHE B 192 16.75 18.67 -8.09
N ALA B 193 15.81 19.51 -8.53
CA ALA B 193 14.49 19.03 -8.90
C ALA B 193 13.93 19.80 -10.08
N ASN B 194 13.43 19.07 -11.07
CA ASN B 194 12.90 19.61 -12.30
C ASN B 194 11.40 19.84 -12.16
N ALA B 195 10.93 21.05 -12.50
CA ALA B 195 9.50 21.24 -12.72
C ALA B 195 9.24 21.02 -14.21
N GLU B 196 8.37 20.07 -14.54
CA GLU B 196 8.26 19.60 -15.91
C GLU B 196 7.42 20.51 -16.82
N PHE B 197 6.38 21.18 -16.30
CA PHE B 197 5.37 21.82 -17.14
C PHE B 197 5.49 23.35 -17.13
N ILE B 198 5.49 23.94 -18.34
CA ILE B 198 5.52 25.39 -18.52
C ILE B 198 4.21 26.00 -18.04
N ILE B 199 4.28 27.05 -17.22
CA ILE B 199 3.07 27.72 -16.75
C ILE B 199 3.24 29.23 -16.79
N PRO B 200 2.13 29.97 -16.79
CA PRO B 200 2.20 31.45 -16.72
C PRO B 200 2.68 31.94 -15.36
N HIS B 201 3.30 33.11 -15.38
CA HIS B 201 3.72 33.74 -14.14
C HIS B 201 3.38 35.21 -14.25
N PRO B 202 2.49 35.74 -13.40
CA PRO B 202 1.76 34.92 -12.44
C PRO B 202 0.73 34.00 -13.13
N ASN B 203 0.33 32.93 -12.45
CA ASN B 203 -0.67 32.03 -13.04
C ASN B 203 -2.04 32.35 -12.46
N ASP B 204 -2.54 33.54 -12.81
CA ASP B 204 -3.75 34.09 -12.20
C ASP B 204 -4.97 34.00 -13.11
N GLY B 205 -4.83 33.42 -14.30
CA GLY B 205 -5.96 33.18 -15.17
C GLY B 205 -6.24 34.29 -16.14
N LYS B 206 -5.34 35.28 -16.23
CA LYS B 206 -5.40 36.31 -17.25
C LYS B 206 -4.66 35.92 -18.52
N VAL B 207 -3.55 35.19 -18.39
CA VAL B 207 -2.76 34.72 -19.52
C VAL B 207 -2.64 33.21 -19.44
N PHE B 208 -2.91 32.53 -20.55
CA PHE B 208 -2.81 31.09 -20.63
C PHE B 208 -1.74 30.60 -21.61
N ASP B 209 -1.14 31.50 -22.40
CA ASP B 209 -0.33 31.15 -23.55
C ASP B 209 1.06 30.71 -23.10
N LEU B 210 1.45 29.49 -23.45
CA LEU B 210 2.81 29.03 -23.13
C LEU B 210 3.87 29.86 -23.85
N GLN B 211 3.49 30.60 -24.89
CA GLN B 211 4.43 31.39 -25.67
C GLN B 211 4.66 32.78 -25.08
N ASP B 212 3.86 33.19 -24.10
CA ASP B 212 4.06 34.48 -23.44
C ASP B 212 5.47 34.58 -22.84
N GLU B 213 6.01 35.79 -22.84
CA GLU B 213 7.36 35.95 -22.29
C GLU B 213 7.42 35.64 -20.79
N ASN B 214 6.29 35.53 -20.11
CA ASN B 214 6.28 35.19 -18.70
C ASN B 214 5.77 33.78 -18.42
N SER B 215 5.60 32.96 -19.45
CA SER B 215 5.31 31.55 -19.25
C SER B 215 6.60 30.76 -19.36
N TYR B 216 6.88 29.92 -18.35
CA TYR B 216 8.12 29.17 -18.31
C TYR B 216 8.04 28.16 -17.18
N THR B 217 9.03 27.28 -17.11
CA THR B 217 9.24 26.46 -15.93
C THR B 217 10.62 26.74 -15.37
N MET B 218 10.91 26.20 -14.18
CA MET B 218 12.17 26.50 -13.52
C MET B 218 12.81 25.24 -12.97
N TYR B 219 14.14 25.31 -12.81
CA TYR B 219 14.95 24.31 -12.16
C TYR B 219 15.07 24.69 -10.70
N ASN B 220 15.01 23.69 -9.84
CA ASN B 220 14.84 23.95 -8.40
C ASN B 220 15.97 23.34 -7.62
N ALA B 221 16.52 24.11 -6.70
CA ALA B 221 17.52 23.64 -5.76
C ALA B 221 16.91 23.80 -4.38
N ILE B 222 16.82 22.69 -3.64
CA ILE B 222 16.39 22.64 -2.25
C ILE B 222 17.61 22.35 -1.39
N ASP B 223 17.73 23.06 -0.27
CA ASP B 223 18.77 22.79 0.73
C ASP B 223 18.52 21.42 1.35
N ALA B 224 19.42 20.46 1.11
CA ALA B 224 19.15 19.10 1.56
C ALA B 224 18.95 19.02 3.07
N GLU B 225 19.72 19.81 3.84
CA GLU B 225 19.71 19.66 5.30
C GLU B 225 18.48 20.30 5.94
N THR B 226 18.08 21.45 5.44
CA THR B 226 16.96 22.17 6.02
C THR B 226 15.65 21.94 5.27
N MET B 227 15.70 21.40 4.05
CA MET B 227 14.49 21.15 3.24
C MET B 227 13.66 22.43 3.03
N GLU B 228 14.38 23.55 2.89
CA GLU B 228 13.82 24.80 2.37
C GLU B 228 14.42 25.09 1.01
N MET B 229 13.66 25.80 0.18
CA MET B 229 14.16 26.28 -1.12
C MET B 229 15.49 27.02 -0.96
N ALA B 230 16.44 26.70 -1.84
CA ALA B 230 17.69 27.48 -1.93
C ALA B 230 17.66 28.46 -3.09
N PHE B 231 17.22 28.02 -4.26
CA PHE B 231 17.06 28.92 -5.39
C PHE B 231 16.30 28.22 -6.51
N GLN B 232 15.94 29.00 -7.50
CA GLN B 232 15.30 28.48 -8.69
C GLN B 232 15.91 29.17 -9.90
N VAL B 233 15.96 28.47 -11.02
CA VAL B 233 16.52 29.03 -12.26
C VAL B 233 15.49 28.86 -13.35
N ILE B 234 15.07 29.98 -13.94
CA ILE B 234 14.19 29.96 -15.10
C ILE B 234 14.95 29.42 -16.29
N VAL B 235 14.31 28.57 -17.06
CA VAL B 235 14.96 27.99 -18.23
C VAL B 235 14.03 28.16 -19.41
N ASP B 236 14.62 28.09 -20.60
CA ASP B 236 13.85 27.88 -21.81
C ASP B 236 13.34 26.44 -21.86
N GLY B 237 12.38 26.18 -22.75
CA GLY B 237 11.91 24.82 -22.84
C GLY B 237 11.32 24.34 -21.51
N ASN B 238 11.48 23.06 -21.25
CA ASN B 238 11.00 22.46 -20.02
C ASN B 238 12.12 21.56 -19.50
N LEU B 239 11.78 20.70 -18.55
CA LEU B 239 12.78 19.92 -17.84
C LEU B 239 12.24 18.52 -17.66
N ASP B 240 13.09 17.52 -17.85
CA ASP B 240 12.62 16.16 -17.74
C ASP B 240 13.37 15.49 -16.58
N ASN B 241 14.57 14.95 -16.83
CA ASN B 241 15.40 14.36 -15.78
C ASN B 241 16.67 15.20 -15.58
N THR B 242 17.45 14.89 -14.53
CA THR B 242 18.59 15.73 -14.17
C THR B 242 19.62 14.90 -13.41
N ASP B 243 20.87 15.35 -13.45
CA ASP B 243 21.92 14.73 -12.64
C ASP B 243 22.97 15.81 -12.38
N ALA B 244 23.98 15.46 -11.58
CA ALA B 244 25.01 16.40 -11.16
C ALA B 244 26.37 15.75 -11.38
N ASP B 245 27.40 16.59 -11.46
CA ASP B 245 28.76 16.13 -11.74
C ASP B 245 29.43 15.66 -10.44
N TYR B 246 30.72 15.37 -10.49
CA TYR B 246 31.49 15.01 -9.30
C TYR B 246 32.43 16.13 -8.84
N THR B 247 32.08 17.38 -9.14
CA THR B 247 32.83 18.51 -8.61
C THR B 247 31.98 19.49 -7.83
N GLY B 248 30.66 19.47 -8.00
CA GLY B 248 29.79 20.43 -7.37
C GLY B 248 29.58 21.68 -8.20
N ARG B 249 30.37 21.91 -9.24
CA ARG B 249 30.14 23.09 -10.06
C ARG B 249 28.91 22.94 -10.95
N PHE B 250 28.68 21.76 -11.55
CA PHE B 250 27.71 21.62 -12.63
C PHE B 250 26.59 20.63 -12.34
N ALA B 251 25.38 20.98 -12.76
CA ALA B 251 24.28 20.02 -12.92
C ALA B 251 23.75 20.12 -14.34
N ALA B 252 22.87 19.20 -14.72
CA ALA B 252 22.39 19.15 -16.09
C ALA B 252 20.99 18.55 -16.12
N ALA B 253 20.18 18.96 -17.09
CA ALA B 253 18.84 18.42 -17.19
C ALA B 253 18.45 18.28 -18.66
N THR B 254 17.73 17.21 -18.98
CA THR B 254 17.20 17.08 -20.33
C THR B 254 15.93 17.92 -20.47
N CYS B 255 15.65 18.32 -21.71
CA CYS B 255 14.43 19.05 -22.06
C CYS B 255 13.82 18.42 -23.31
N TYR B 256 12.50 18.23 -23.31
CA TYR B 256 11.83 17.68 -24.48
C TYR B 256 10.87 18.66 -25.13
N ASN B 257 10.53 19.76 -24.46
CA ASN B 257 9.59 20.73 -24.98
C ASN B 257 10.29 22.05 -25.28
N SER B 258 11.37 22.00 -26.06
CA SER B 258 12.01 23.24 -26.49
C SER B 258 11.05 24.13 -27.26
N GLU B 259 10.03 23.53 -27.87
CA GLU B 259 8.99 24.22 -28.63
C GLU B 259 7.98 24.98 -27.78
N LYS B 260 8.00 24.81 -26.46
CA LYS B 260 6.96 25.34 -25.58
C LYS B 260 5.55 25.11 -26.14
N ALA B 261 5.30 23.93 -26.71
CA ALA B 261 3.99 23.57 -27.26
C ALA B 261 3.13 22.88 -26.20
N PHE B 262 1.84 22.70 -26.51
CA PHE B 262 0.99 21.90 -25.65
C PHE B 262 0.46 20.65 -26.31
N ASP B 263 0.65 20.48 -27.60
CA ASP B 263 0.14 19.33 -28.32
C ASP B 263 1.28 18.40 -28.67
N LEU B 264 0.93 17.15 -29.00
CA LEU B 264 1.93 16.14 -29.33
C LEU B 264 2.82 16.60 -30.48
N GLY B 265 2.20 16.94 -31.63
CA GLY B 265 2.99 17.33 -32.78
C GLY B 265 3.99 18.41 -32.46
N GLY B 266 3.53 19.47 -31.78
CA GLY B 266 4.41 20.59 -31.52
C GLY B 266 5.60 20.20 -30.66
N MET B 267 5.37 19.37 -29.64
CA MET B 267 6.44 18.89 -28.75
C MET B 267 7.45 18.02 -29.47
N MET B 268 7.13 17.55 -30.67
CA MET B 268 8.05 16.72 -31.44
C MET B 268 8.64 17.46 -32.63
N ARG B 269 8.39 18.76 -32.75
CA ARG B 269 8.74 19.46 -33.99
C ARG B 269 10.26 19.50 -34.20
N ASN B 270 11.00 19.99 -33.20
CA ASN B 270 12.43 20.21 -33.38
C ASN B 270 13.18 18.89 -33.44
N GLU B 271 14.15 18.81 -34.35
CA GLU B 271 14.97 17.61 -34.42
C GLU B 271 15.83 17.44 -33.18
N ARG B 272 16.32 18.54 -32.62
CA ARG B 272 17.01 18.52 -31.33
C ARG B 272 16.30 19.42 -30.35
N ASP B 273 16.18 18.94 -29.12
CA ASP B 273 15.97 19.77 -27.95
C ASP B 273 17.34 20.03 -27.30
N TRP B 274 17.53 19.78 -26.02
CA TRP B 274 18.86 20.06 -25.48
C TRP B 274 18.98 19.40 -24.12
N VAL B 275 20.22 19.28 -23.67
CA VAL B 275 20.55 19.23 -22.25
C VAL B 275 20.94 20.63 -21.83
N VAL B 276 20.25 21.20 -20.83
CA VAL B 276 20.63 22.49 -20.28
C VAL B 276 21.59 22.25 -19.12
N VAL B 277 22.73 22.93 -19.14
CA VAL B 277 23.76 22.79 -18.13
C VAL B 277 23.75 24.04 -17.25
N PHE B 278 23.83 23.83 -15.94
CA PHE B 278 23.80 24.92 -14.96
C PHE B 278 25.17 25.08 -14.33
N ASP B 279 25.66 26.32 -14.27
CA ASP B 279 26.88 26.64 -13.51
C ASP B 279 26.42 26.98 -12.09
N ILE B 280 26.46 25.99 -11.19
CA ILE B 280 25.99 26.25 -9.84
C ILE B 280 26.85 27.29 -9.12
N HIS B 281 28.15 27.39 -9.44
CA HIS B 281 28.98 28.41 -8.81
C HIS B 281 28.49 29.80 -9.17
N ALA B 282 28.05 29.98 -10.42
CA ALA B 282 27.56 31.28 -10.86
C ALA B 282 26.23 31.61 -10.19
N VAL B 283 25.37 30.60 -10.01
CA VAL B 283 24.08 30.82 -9.34
C VAL B 283 24.30 31.25 -7.89
N GLU B 284 25.09 30.47 -7.14
CA GLU B 284 25.44 30.82 -5.76
C GLU B 284 26.03 32.22 -5.66
N ALA B 285 26.99 32.56 -6.55
CA ALA B 285 27.59 33.88 -6.44
C ALA B 285 26.58 34.98 -6.66
N ALA B 286 25.68 34.80 -7.62
CA ALA B 286 24.67 35.83 -7.86
C ALA B 286 23.66 35.89 -6.72
N VAL B 287 23.46 34.78 -6.01
CA VAL B 287 22.54 34.77 -4.89
C VAL B 287 23.16 35.53 -3.71
N LYS B 288 24.46 35.37 -3.50
CA LYS B 288 25.09 36.12 -2.42
C LYS B 288 25.19 37.59 -2.76
N ALA B 289 25.37 37.94 -4.03
CA ALA B 289 25.41 39.33 -4.44
C ALA B 289 24.03 39.98 -4.45
N GLY B 290 22.98 39.22 -4.16
CA GLY B 290 21.62 39.75 -4.23
C GLY B 290 21.11 40.00 -5.62
N ASP B 291 21.75 39.44 -6.65
CA ASP B 291 21.35 39.64 -8.05
C ASP B 291 20.30 38.60 -8.40
N PHE B 292 19.08 38.80 -7.90
CA PHE B 292 17.99 37.89 -8.20
C PHE B 292 16.66 38.58 -7.96
N ILE B 293 15.59 37.93 -8.40
CA ILE B 293 14.23 38.38 -8.14
C ILE B 293 13.48 37.32 -7.33
N THR B 294 12.27 37.67 -6.93
CA THR B 294 11.36 36.73 -6.28
C THR B 294 10.03 36.79 -7.00
N LEU B 295 9.30 35.69 -6.91
CA LEU B 295 8.04 35.47 -7.61
C LEU B 295 6.92 35.30 -6.60
N GLY B 296 5.77 35.91 -6.87
CA GLY B 296 4.65 35.79 -5.98
C GLY B 296 5.02 36.11 -4.55
N ASP B 297 4.57 35.26 -3.62
CA ASP B 297 4.83 35.43 -2.19
C ASP B 297 6.06 34.68 -1.72
N SER B 298 6.68 33.88 -2.57
CA SER B 298 7.85 33.11 -2.16
C SER B 298 9.08 34.01 -2.12
N LYS B 299 9.86 33.86 -1.04
CA LYS B 299 11.12 34.58 -0.91
C LYS B 299 12.26 33.90 -1.66
N THR B 300 11.98 32.83 -2.40
CA THR B 300 13.03 32.04 -3.02
C THR B 300 13.77 32.86 -4.06
N PRO B 301 15.09 32.97 -3.98
CA PRO B 301 15.84 33.65 -5.04
C PRO B 301 15.56 33.00 -6.38
N VAL B 302 15.22 33.82 -7.37
CA VAL B 302 14.95 33.35 -8.72
C VAL B 302 15.98 33.97 -9.66
N LEU B 303 16.69 33.13 -10.40
CA LEU B 303 17.65 33.58 -11.39
C LEU B 303 17.16 33.22 -12.80
N ASP B 304 17.48 34.06 -13.77
CA ASP B 304 16.99 33.91 -15.14
C ASP B 304 18.06 33.20 -15.97
N GLY B 305 17.82 31.92 -16.25
CA GLY B 305 18.67 31.08 -17.07
C GLY B 305 18.27 31.00 -18.52
N ARG B 306 17.33 31.84 -18.95
CA ARG B 306 16.92 31.86 -20.34
C ARG B 306 17.95 32.58 -21.21
N LYS B 307 17.97 32.22 -22.49
CA LYS B 307 18.65 33.04 -23.49
C LYS B 307 17.86 34.31 -23.74
N LYS B 308 18.56 35.41 -23.97
CA LYS B 308 17.90 36.67 -24.28
C LYS B 308 18.46 37.16 -25.61
N ASP B 309 17.71 36.98 -26.69
CA ASP B 309 18.13 37.45 -28.01
C ASP B 309 19.41 36.71 -28.46
N GLY B 310 19.44 35.40 -28.26
CA GLY B 310 20.56 34.58 -28.64
C GLY B 310 21.79 34.68 -27.75
N LYS B 311 21.77 35.52 -26.73
CA LYS B 311 22.90 35.62 -25.79
C LYS B 311 22.64 34.73 -24.58
N ASP B 312 23.64 33.93 -24.22
CA ASP B 312 23.50 33.02 -23.10
C ASP B 312 23.45 33.79 -21.79
N SER B 313 22.68 33.28 -20.86
CA SER B 313 22.79 33.77 -19.50
C SER B 313 24.10 33.25 -18.90
N LYS B 314 24.52 33.83 -17.78
CA LYS B 314 25.73 33.27 -17.18
C LYS B 314 25.45 32.02 -16.34
N PHE B 315 24.19 31.61 -16.19
CA PHE B 315 23.87 30.48 -15.34
C PHE B 315 23.70 29.16 -16.08
N THR B 316 23.57 29.21 -17.41
CA THR B 316 23.17 28.05 -18.19
C THR B 316 23.90 28.02 -19.52
N ARG B 317 24.05 26.82 -20.05
CA ARG B 317 24.37 26.63 -21.45
C ARG B 317 23.46 25.52 -21.95
N TYR B 318 23.03 25.66 -23.21
CA TYR B 318 22.10 24.72 -23.81
C TYR B 318 22.83 23.92 -24.89
N VAL B 319 22.90 22.60 -24.71
CA VAL B 319 23.64 21.73 -25.63
C VAL B 319 22.62 20.99 -26.48
N PRO B 320 22.58 21.19 -27.80
CA PRO B 320 21.54 20.55 -28.61
C PRO B 320 21.70 19.04 -28.64
N VAL B 321 20.60 18.35 -28.36
CA VAL B 321 20.56 16.90 -28.19
C VAL B 321 19.24 16.38 -28.75
N PRO B 322 19.27 15.45 -29.71
CA PRO B 322 18.03 14.79 -30.16
C PRO B 322 17.62 13.64 -29.25
N LYS B 323 16.32 13.35 -29.22
CA LYS B 323 15.24 14.19 -29.69
C LYS B 323 14.11 13.90 -28.70
N ASN B 324 13.59 14.93 -28.07
CA ASN B 324 12.81 14.78 -26.85
C ASN B 324 13.58 13.85 -25.91
N PRO B 325 14.85 14.18 -25.62
CA PRO B 325 15.69 13.29 -24.81
C PRO B 325 15.14 13.12 -23.40
N HIS B 326 15.46 11.99 -22.79
CA HIS B 326 14.81 11.65 -21.54
C HIS B 326 15.80 11.49 -20.37
N GLY B 327 16.40 10.31 -20.25
CA GLY B 327 17.32 10.09 -19.16
C GLY B 327 18.52 11.01 -19.23
N CYS B 328 19.05 11.36 -18.06
CA CYS B 328 20.22 12.25 -17.96
C CYS B 328 21.07 11.67 -16.84
N ASN B 329 22.12 10.94 -17.17
CA ASN B 329 22.83 10.15 -16.17
C ASN B 329 24.34 10.43 -16.17
N THR B 330 24.87 10.76 -14.98
CA THR B 330 26.31 10.99 -14.82
C THR B 330 27.08 9.67 -14.68
N SER B 331 28.11 9.48 -15.49
CA SER B 331 28.87 8.25 -15.37
C SER B 331 29.61 8.23 -14.03
N SER B 332 29.85 7.02 -13.52
CA SER B 332 30.44 6.88 -12.20
C SER B 332 31.89 7.34 -12.14
N ASP B 333 32.57 7.49 -13.28
CA ASP B 333 33.90 8.07 -13.29
C ASP B 333 33.88 9.58 -13.40
N GLY B 334 32.69 10.18 -13.44
CA GLY B 334 32.51 11.62 -13.57
C GLY B 334 32.83 12.20 -14.92
N LYS B 335 33.06 11.39 -15.95
CA LYS B 335 33.48 11.96 -17.22
C LYS B 335 32.31 12.58 -17.99
N TYR B 336 31.14 11.95 -17.95
CA TYR B 336 30.05 12.29 -18.88
C TYR B 336 28.73 12.50 -18.17
N PHE B 337 27.98 13.50 -18.62
CA PHE B 337 26.52 13.48 -18.61
C PHE B 337 26.06 12.73 -19.85
N ILE B 338 25.24 11.69 -19.69
CA ILE B 338 24.79 10.88 -20.80
C ILE B 338 23.27 11.03 -20.95
N ALA B 339 22.84 11.58 -22.08
CA ALA B 339 21.42 11.85 -22.31
C ALA B 339 20.82 10.81 -23.25
N ALA B 340 19.71 10.20 -22.84
CA ALA B 340 19.06 9.19 -23.67
C ALA B 340 18.19 9.87 -24.71
N GLY B 341 18.35 9.47 -25.98
CA GLY B 341 17.75 10.20 -27.09
C GLY B 341 16.26 9.94 -27.29
N LYS B 342 15.70 8.87 -26.68
CA LYS B 342 14.29 8.48 -26.78
C LYS B 342 13.78 8.40 -28.22
N LEU B 343 13.32 9.51 -28.80
CA LEU B 343 12.86 9.49 -30.19
C LEU B 343 14.01 9.38 -31.18
N SER B 344 15.22 9.79 -30.78
CA SER B 344 16.43 9.50 -31.54
C SER B 344 17.08 8.22 -30.99
N PRO B 345 17.56 7.32 -31.86
CA PRO B 345 17.98 5.99 -31.40
C PRO B 345 19.39 5.99 -30.82
N THR B 346 19.69 7.00 -30.03
CA THR B 346 21.05 7.29 -29.60
C THR B 346 21.03 7.75 -28.15
N CYS B 347 22.22 7.84 -27.57
CA CYS B 347 22.51 8.67 -26.41
C CYS B 347 23.55 9.69 -26.80
N SER B 348 23.59 10.81 -26.08
CA SER B 348 24.54 11.88 -26.36
C SER B 348 25.42 12.06 -25.13
N MET B 349 26.74 12.02 -25.33
CA MET B 349 27.70 12.03 -24.24
C MET B 349 28.29 13.44 -24.13
N ILE B 350 28.00 14.11 -23.02
CA ILE B 350 28.54 15.45 -22.78
C ILE B 350 29.79 15.32 -21.92
N ALA B 351 30.94 15.76 -22.45
CA ALA B 351 32.20 15.65 -21.72
C ALA B 351 32.24 16.73 -20.65
N ILE B 352 32.12 16.33 -19.38
CA ILE B 352 32.08 17.27 -18.26
C ILE B 352 33.36 18.09 -18.17
N ASP B 353 34.49 17.53 -18.56
CA ASP B 353 35.72 18.30 -18.45
C ASP B 353 35.83 19.34 -19.57
N LYS B 354 34.92 19.34 -20.54
CA LYS B 354 34.83 20.42 -21.52
C LYS B 354 33.87 21.53 -21.11
N LEU B 355 33.13 21.37 -20.00
CA LEU B 355 32.12 22.36 -19.59
C LEU B 355 32.72 23.70 -19.14
N PRO B 356 33.83 23.72 -18.39
CA PRO B 356 34.43 25.03 -18.06
C PRO B 356 34.74 25.84 -19.30
N ASP B 357 35.40 25.24 -20.30
CA ASP B 357 35.68 25.92 -21.56
C ASP B 357 34.38 26.38 -22.25
N LEU B 358 33.35 25.53 -22.27
CA LEU B 358 32.07 25.95 -22.85
C LEU B 358 31.54 27.21 -22.18
N PHE B 359 31.60 27.25 -20.84
CA PHE B 359 31.12 28.40 -20.07
C PHE B 359 32.08 29.58 -20.11
N ALA B 360 33.26 29.42 -20.66
CA ALA B 360 34.17 30.55 -20.82
C ALA B 360 34.32 30.94 -22.28
N GLY B 361 33.38 30.53 -23.13
CA GLY B 361 33.41 30.97 -24.51
C GLY B 361 34.53 30.40 -25.35
N LYS B 362 35.25 29.40 -24.86
CA LYS B 362 36.38 28.87 -25.62
C LYS B 362 35.96 27.84 -26.66
N LEU B 363 34.68 27.48 -26.71
CA LEU B 363 34.13 26.57 -27.71
C LEU B 363 33.17 27.32 -28.63
N ALA B 364 33.35 27.15 -29.94
CA ALA B 364 32.56 27.90 -30.91
C ALA B 364 31.09 27.50 -30.91
N ASP B 365 30.78 26.26 -30.53
CA ASP B 365 29.47 25.69 -30.70
C ASP B 365 29.19 24.83 -29.48
N PRO B 366 27.99 24.93 -28.89
CA PRO B 366 27.69 24.09 -27.71
C PRO B 366 27.78 22.61 -28.01
N ARG B 367 27.53 22.19 -29.25
CA ARG B 367 27.70 20.78 -29.59
C ARG B 367 29.14 20.33 -29.40
N ASP B 368 30.09 21.26 -29.28
CA ASP B 368 31.48 20.89 -29.12
C ASP B 368 31.76 20.15 -27.82
N VAL B 369 30.85 20.16 -26.85
CA VAL B 369 31.05 19.38 -25.62
C VAL B 369 30.55 17.95 -25.77
N ILE B 370 29.86 17.63 -26.85
CA ILE B 370 29.45 16.25 -27.11
C ILE B 370 30.66 15.52 -27.68
N VAL B 371 31.05 14.43 -27.04
CA VAL B 371 32.17 13.63 -27.53
C VAL B 371 31.74 12.24 -27.94
N GLY B 372 30.46 11.93 -27.78
CA GLY B 372 29.90 10.68 -28.28
C GLY B 372 28.43 10.85 -28.54
N GLU B 373 27.91 10.05 -29.46
CA GLU B 373 26.50 9.97 -29.78
C GLU B 373 26.29 8.59 -30.39
N PRO B 374 26.51 7.53 -29.62
CA PRO B 374 26.37 6.18 -30.18
C PRO B 374 24.95 5.86 -30.57
N GLU B 375 24.80 5.17 -31.70
CA GLU B 375 23.52 4.61 -32.08
C GLU B 375 23.37 3.27 -31.37
N LEU B 376 22.30 3.13 -30.59
CA LEU B 376 22.10 1.97 -29.74
C LEU B 376 20.88 1.14 -30.10
N GLY B 377 19.75 1.78 -30.37
CA GLY B 377 18.53 1.06 -30.68
C GLY B 377 17.32 1.95 -30.47
N LEU B 378 16.14 1.33 -30.56
CA LEU B 378 14.90 2.07 -30.60
C LEU B 378 14.40 2.40 -29.20
N GLY B 379 14.29 3.69 -28.88
CA GLY B 379 13.69 4.13 -27.64
C GLY B 379 14.59 4.17 -26.41
N PRO B 380 15.83 4.62 -26.54
CA PRO B 380 16.71 4.73 -25.36
C PRO B 380 16.13 5.69 -24.33
N LEU B 381 16.00 5.23 -23.10
CA LEU B 381 15.41 6.06 -22.06
C LEU B 381 16.34 6.38 -20.90
N HIS B 382 17.25 5.48 -20.52
CA HIS B 382 18.01 5.64 -19.29
C HIS B 382 19.29 4.84 -19.38
N THR B 383 20.30 5.29 -18.64
CA THR B 383 21.63 4.68 -18.72
C THR B 383 22.17 4.50 -17.30
N THR B 384 22.87 3.40 -17.08
CA THR B 384 23.54 3.19 -15.81
C THR B 384 24.92 2.58 -16.07
N PHE B 385 25.69 2.35 -15.01
CA PHE B 385 27.13 2.14 -15.14
C PHE B 385 27.60 1.03 -14.22
N ASP B 386 28.52 0.20 -14.72
CA ASP B 386 29.04 -0.89 -13.90
C ASP B 386 30.37 -0.55 -13.21
N GLY B 387 30.94 0.63 -13.49
CA GLY B 387 32.22 0.97 -12.91
C GLY B 387 33.41 0.37 -13.61
N ARG B 388 33.19 -0.38 -14.69
CA ARG B 388 34.26 -0.97 -15.47
C ARG B 388 34.41 -0.30 -16.83
N GLY B 389 33.74 0.84 -17.04
CA GLY B 389 33.81 1.52 -18.31
C GLY B 389 32.69 1.16 -19.27
N ASN B 390 31.73 0.36 -18.84
CA ASN B 390 30.58 0.02 -19.65
C ASN B 390 29.36 0.81 -19.17
N ALA B 391 28.51 1.19 -20.12
CA ALA B 391 27.21 1.76 -19.82
C ALA B 391 26.11 0.82 -20.28
N TYR B 392 24.99 0.84 -19.56
CA TYR B 392 23.83 0.01 -19.83
C TYR B 392 22.63 0.94 -20.05
N THR B 393 21.93 0.76 -21.17
CA THR B 393 20.87 1.67 -21.56
C THR B 393 19.61 0.89 -21.89
N THR B 394 18.47 1.34 -21.36
CA THR B 394 17.19 0.74 -21.70
C THR B 394 16.73 1.20 -23.06
N LEU B 395 16.28 0.26 -23.89
CA LEU B 395 15.66 0.54 -25.19
C LEU B 395 14.18 0.20 -25.04
N PHE B 396 13.35 1.23 -24.84
CA PHE B 396 11.95 0.97 -24.54
C PHE B 396 11.25 0.26 -25.71
N ILE B 397 11.47 0.74 -26.94
CA ILE B 397 10.75 0.17 -28.08
C ILE B 397 11.30 -1.20 -28.42
N ASP B 398 12.62 -1.33 -28.48
CA ASP B 398 13.18 -2.65 -28.74
C ASP B 398 13.02 -3.60 -27.56
N SER B 399 12.62 -3.09 -26.39
CA SER B 399 12.48 -3.87 -25.15
C SER B 399 13.76 -4.65 -24.82
N GLN B 400 14.85 -3.91 -24.63
CA GLN B 400 16.15 -4.51 -24.33
C GLN B 400 16.95 -3.63 -23.38
N VAL B 401 17.93 -4.24 -22.74
CA VAL B 401 19.04 -3.53 -22.13
C VAL B 401 20.26 -3.74 -23.02
N VAL B 402 20.88 -2.64 -23.47
CA VAL B 402 22.06 -2.70 -24.31
C VAL B 402 23.26 -2.24 -23.49
N LYS B 403 24.30 -3.07 -23.46
CA LYS B 403 25.54 -2.80 -22.74
C LYS B 403 26.56 -2.31 -23.76
N TRP B 404 27.21 -1.19 -23.47
CA TRP B 404 28.11 -0.58 -24.44
C TRP B 404 29.27 0.07 -23.72
N ASN B 405 30.40 0.17 -24.43
CA ASN B 405 31.64 0.66 -23.85
C ASN B 405 31.80 2.14 -24.17
N MET B 406 31.91 2.96 -23.13
CA MET B 406 31.82 4.41 -23.36
C MET B 406 33.01 4.94 -24.14
N GLU B 407 34.23 4.53 -23.78
CA GLU B 407 35.38 5.09 -24.50
C GLU B 407 35.37 4.66 -25.96
N GLU B 408 34.90 3.45 -26.25
CA GLU B 408 34.82 2.98 -27.64
C GLU B 408 33.76 3.77 -28.41
N ALA B 409 32.62 4.08 -27.77
CA ALA B 409 31.65 4.96 -28.41
C ALA B 409 32.28 6.29 -28.74
N VAL B 410 33.13 6.81 -27.85
CA VAL B 410 33.79 8.09 -28.10
C VAL B 410 34.74 7.96 -29.29
N ARG B 411 35.45 6.83 -29.38
CA ARG B 411 36.27 6.60 -30.56
C ARG B 411 35.43 6.63 -31.83
N ALA B 412 34.29 5.94 -31.82
CA ALA B 412 33.51 5.84 -33.04
C ALA B 412 33.00 7.20 -33.48
N TYR B 413 32.79 8.12 -32.52
CA TYR B 413 32.31 9.45 -32.87
C TYR B 413 33.36 10.22 -33.67
N LYS B 414 34.64 10.04 -33.34
CA LYS B 414 35.74 10.61 -34.09
C LYS B 414 35.98 9.90 -35.42
N GLY B 415 35.23 8.84 -35.74
CA GLY B 415 35.36 8.12 -36.98
C GLY B 415 36.04 6.77 -36.84
N GLU B 416 36.95 6.62 -35.87
CA GLU B 416 37.64 5.33 -35.74
C GLU B 416 36.62 4.22 -35.55
N LYS B 417 36.07 3.73 -36.66
CA LYS B 417 35.05 2.69 -36.65
C LYS B 417 35.39 1.61 -35.65
N VAL B 418 34.59 1.53 -34.59
CA VAL B 418 34.77 0.52 -33.56
C VAL B 418 33.38 0.09 -33.15
N ASN B 419 33.25 -1.17 -32.73
CA ASN B 419 31.96 -1.73 -32.33
C ASN B 419 31.84 -1.66 -30.81
N TYR B 420 31.31 -0.54 -30.31
CA TYR B 420 31.17 -0.29 -28.88
C TYR B 420 30.04 -1.07 -28.23
N ILE B 421 29.09 -1.60 -29.01
CA ILE B 421 27.98 -2.38 -28.45
C ILE B 421 28.48 -3.79 -28.14
N LYS B 422 28.27 -4.24 -26.90
CA LYS B 422 28.79 -5.50 -26.40
C LYS B 422 27.74 -6.62 -26.30
N GLN B 423 26.51 -6.30 -25.90
CA GLN B 423 25.46 -7.30 -25.67
C GLN B 423 24.10 -6.61 -25.67
N LYS B 424 23.08 -7.32 -26.15
CA LYS B 424 21.70 -6.85 -26.01
C LYS B 424 20.88 -7.95 -25.34
N LEU B 425 20.38 -7.66 -24.14
CA LEU B 425 19.57 -8.60 -23.38
C LEU B 425 18.09 -8.23 -23.51
N ASP B 426 17.27 -9.20 -23.93
CA ASP B 426 15.81 -8.98 -23.99
C ASP B 426 15.24 -8.88 -22.60
N VAL B 427 14.37 -7.89 -22.38
CA VAL B 427 13.65 -7.75 -21.13
C VAL B 427 12.15 -7.70 -21.43
N HIS B 428 11.34 -7.82 -20.36
CA HIS B 428 9.94 -8.23 -20.51
C HIS B 428 9.02 -7.38 -19.64
N TYR B 429 8.50 -6.26 -20.18
CA TYR B 429 8.73 -5.78 -21.53
C TYR B 429 8.62 -4.26 -21.45
N GLN B 430 9.23 -3.55 -22.39
CA GLN B 430 9.27 -2.09 -22.41
C GLN B 430 9.91 -1.51 -21.15
N PRO B 431 11.23 -1.51 -21.07
CA PRO B 431 11.91 -0.97 -19.89
C PRO B 431 11.97 0.55 -19.90
N GLY B 432 11.85 1.13 -18.71
CA GLY B 432 11.99 2.55 -18.47
C GLY B 432 13.35 2.83 -17.85
N HIS B 433 13.42 2.95 -16.53
CA HIS B 433 14.71 3.14 -15.87
C HIS B 433 15.44 1.80 -15.67
N LEU B 434 16.72 1.91 -15.35
CA LEU B 434 17.51 0.78 -14.91
C LEU B 434 18.54 1.32 -13.91
N HIS B 435 19.06 0.44 -13.06
CA HIS B 435 19.92 0.87 -11.96
C HIS B 435 20.93 -0.22 -11.64
N ALA B 436 22.23 0.09 -11.74
CA ALA B 436 23.28 -0.83 -11.33
C ALA B 436 23.76 -0.45 -9.94
N SER B 437 24.14 -1.46 -9.15
CA SER B 437 24.43 -1.20 -7.74
C SER B 437 25.56 -0.19 -7.59
N LEU B 438 25.29 0.86 -6.81
CA LEU B 438 26.22 1.96 -6.49
C LEU B 438 26.56 2.82 -7.71
N CYS B 439 25.75 2.75 -8.76
CA CYS B 439 26.03 3.41 -10.04
C CYS B 439 26.15 4.93 -9.91
N GLU B 440 25.44 5.53 -8.96
CA GLU B 440 25.50 6.99 -8.75
C GLU B 440 26.70 7.44 -7.89
N THR B 441 27.65 6.56 -7.58
CA THR B 441 28.80 6.92 -6.76
C THR B 441 30.08 6.50 -7.46
N ASN B 442 31.21 7.02 -6.96
CA ASN B 442 32.49 6.57 -7.46
C ASN B 442 32.86 5.20 -6.90
N GLU B 443 31.92 4.53 -6.21
CA GLU B 443 32.08 3.15 -5.75
C GLU B 443 31.25 2.14 -6.56
N ALA B 444 30.74 2.52 -7.74
CA ALA B 444 29.94 1.61 -8.56
C ALA B 444 30.60 0.25 -8.64
N ASP B 445 29.90 -0.79 -8.14
CA ASP B 445 30.58 -2.07 -7.92
C ASP B 445 30.31 -3.10 -9.02
N GLY B 446 29.44 -2.80 -9.98
CA GLY B 446 29.19 -3.67 -11.12
C GLY B 446 28.62 -5.04 -10.82
N LYS B 447 27.88 -5.20 -9.73
CA LYS B 447 27.35 -6.52 -9.36
C LYS B 447 25.93 -6.76 -9.89
N TRP B 448 24.98 -5.89 -9.53
CA TRP B 448 23.59 -6.11 -9.86
C TRP B 448 23.04 -4.96 -10.70
N LEU B 449 22.09 -5.31 -11.57
CA LEU B 449 21.36 -4.35 -12.39
C LEU B 449 19.87 -4.68 -12.28
N VAL B 450 19.06 -3.66 -12.02
CA VAL B 450 17.61 -3.80 -12.06
C VAL B 450 17.11 -2.99 -13.24
N ALA B 451 16.35 -3.65 -14.12
CA ALA B 451 15.64 -3.01 -15.21
C ALA B 451 14.16 -3.03 -14.88
N LEU B 452 13.54 -1.85 -14.85
CA LEU B 452 12.17 -1.69 -14.38
C LEU B 452 11.28 -1.50 -15.60
N SER B 453 10.55 -2.56 -16.00
CA SER B 453 9.77 -2.59 -17.23
C SER B 453 8.29 -2.28 -16.98
N LYS B 454 7.63 -1.78 -18.01
CA LYS B 454 6.31 -1.17 -17.84
C LYS B 454 5.15 -2.10 -18.21
N PHE B 455 5.40 -3.20 -18.92
CA PHE B 455 4.39 -4.18 -19.28
C PHE B 455 4.85 -5.57 -18.87
N SER B 456 4.08 -6.27 -18.06
CA SER B 456 4.48 -7.61 -17.70
C SER B 456 3.76 -8.69 -18.50
N LYS B 457 2.64 -8.35 -19.14
CA LYS B 457 1.94 -9.29 -20.01
C LYS B 457 1.80 -10.68 -19.38
N ASP B 458 2.48 -11.67 -19.96
CA ASP B 458 2.36 -13.08 -19.58
C ASP B 458 3.44 -13.54 -18.61
N ARG B 459 4.19 -12.63 -17.98
CA ARG B 459 5.30 -13.09 -17.15
C ARG B 459 4.86 -13.51 -15.77
N PHE B 460 3.64 -13.16 -15.35
CA PHE B 460 3.08 -13.57 -14.07
C PHE B 460 1.67 -14.12 -14.27
N LEU B 461 1.16 -14.80 -13.25
CA LEU B 461 -0.21 -15.27 -13.32
C LEU B 461 -1.16 -14.11 -13.66
N PRO B 462 -2.21 -14.36 -14.43
CA PRO B 462 -3.22 -13.32 -14.67
C PRO B 462 -3.85 -12.80 -13.37
N VAL B 463 -4.02 -11.48 -13.28
CA VAL B 463 -4.66 -10.88 -12.11
C VAL B 463 -5.69 -9.81 -12.53
N GLY B 464 -6.24 -9.93 -13.74
CA GLY B 464 -7.26 -9.00 -14.21
C GLY B 464 -6.68 -7.96 -15.13
N PRO B 465 -7.50 -6.97 -15.53
CA PRO B 465 -7.03 -6.02 -16.56
C PRO B 465 -5.79 -5.24 -16.15
N LEU B 466 -5.62 -4.93 -14.88
CA LEU B 466 -4.47 -4.18 -14.41
C LEU B 466 -3.40 -5.21 -14.03
N HIS B 467 -2.22 -5.12 -14.68
CA HIS B 467 -1.08 -6.01 -14.56
C HIS B 467 -0.04 -5.40 -13.63
N PRO B 468 0.79 -6.21 -12.98
CA PRO B 468 1.95 -5.66 -12.27
C PRO B 468 3.00 -5.15 -13.25
N GLU B 469 3.91 -4.33 -12.73
CA GLU B 469 5.13 -4.05 -13.47
C GLU B 469 6.09 -5.22 -13.32
N ASN B 470 7.15 -5.23 -14.12
CA ASN B 470 8.16 -6.28 -14.06
C ASN B 470 9.53 -5.63 -13.87
N ASP B 471 10.05 -5.71 -12.66
CA ASP B 471 11.39 -5.22 -12.35
C ASP B 471 12.31 -6.43 -12.30
N GLN B 472 13.21 -6.53 -13.27
CA GLN B 472 14.00 -7.73 -13.50
C GLN B 472 15.41 -7.55 -12.97
N LEU B 473 15.85 -8.50 -12.14
CA LEU B 473 17.18 -8.49 -11.56
C LEU B 473 18.13 -9.19 -12.51
N ILE B 474 19.25 -8.54 -12.83
CA ILE B 474 20.18 -9.00 -13.85
C ILE B 474 21.58 -9.01 -13.27
N ASP B 475 22.30 -10.13 -13.45
CA ASP B 475 23.67 -10.21 -12.97
C ASP B 475 24.61 -9.58 -14.00
N ILE B 476 25.36 -8.56 -13.59
CA ILE B 476 26.32 -7.91 -14.47
C ILE B 476 27.76 -8.07 -13.97
N SER B 477 28.00 -8.97 -13.01
CA SER B 477 29.35 -9.14 -12.47
C SER B 477 30.30 -9.67 -13.53
N GLY B 478 29.78 -10.40 -14.52
CA GLY B 478 30.58 -10.96 -15.58
C GLY B 478 30.47 -10.14 -16.86
N ASP B 479 31.04 -10.69 -17.92
CA ASP B 479 31.01 -10.03 -19.22
C ASP B 479 29.63 -10.09 -19.86
N GLU B 480 28.86 -11.14 -19.55
CA GLU B 480 27.54 -11.36 -20.14
C GLU B 480 26.45 -11.04 -19.12
N MET B 481 25.53 -10.16 -19.47
CA MET B 481 24.38 -9.92 -18.60
C MET B 481 23.53 -11.18 -18.50
N LYS B 482 23.14 -11.54 -17.27
CA LYS B 482 22.33 -12.74 -17.05
C LYS B 482 21.06 -12.37 -16.28
N LEU B 483 19.90 -12.59 -16.91
CA LEU B 483 18.61 -12.33 -16.29
C LEU B 483 18.35 -13.38 -15.21
N VAL B 484 18.14 -12.96 -13.96
CA VAL B 484 18.01 -13.98 -12.93
C VAL B 484 16.66 -14.03 -12.24
N HIS B 485 15.91 -12.92 -12.17
CA HIS B 485 14.69 -12.91 -11.38
C HIS B 485 13.71 -11.88 -11.93
N ASP B 486 12.43 -12.23 -11.96
CA ASP B 486 11.35 -11.34 -12.39
C ASP B 486 10.60 -10.87 -11.15
N GLY B 487 10.66 -9.59 -10.84
CA GLY B 487 9.94 -9.09 -9.69
C GLY B 487 8.71 -8.28 -10.06
N PRO B 488 7.52 -8.83 -9.82
CA PRO B 488 6.30 -8.04 -10.08
C PRO B 488 6.19 -6.96 -9.02
N THR B 489 5.76 -5.76 -9.42
CA THR B 489 5.57 -4.67 -8.48
C THR B 489 4.31 -3.91 -8.85
N PHE B 490 3.69 -3.27 -7.87
CA PHE B 490 2.44 -2.55 -8.05
C PHE B 490 2.72 -1.09 -8.40
N ALA B 491 1.83 -0.48 -9.21
CA ALA B 491 1.80 0.98 -9.37
C ALA B 491 3.04 1.55 -10.02
N GLU B 492 3.80 0.76 -10.70
CA GLU B 492 4.79 1.38 -11.55
C GLU B 492 5.85 2.15 -10.77
N PRO B 493 6.71 1.44 -10.07
CA PRO B 493 7.98 2.05 -9.71
C PRO B 493 8.64 2.57 -10.99
N HIS B 494 9.11 3.79 -10.96
CA HIS B 494 9.91 4.19 -12.13
C HIS B 494 11.38 3.81 -11.90
N ASP B 495 12.02 4.39 -10.89
CA ASP B 495 13.42 4.14 -10.63
C ASP B 495 13.57 3.54 -9.23
N CYS B 496 14.74 2.96 -8.95
CA CYS B 496 15.09 2.52 -7.62
C CYS B 496 16.56 2.87 -7.36
N ILE B 497 16.99 2.72 -6.12
CA ILE B 497 18.39 2.90 -5.77
C ILE B 497 18.78 1.81 -4.79
N MET B 498 19.95 1.24 -4.99
CA MET B 498 20.51 0.20 -4.12
C MET B 498 21.64 0.76 -3.27
N ALA B 499 21.80 0.17 -2.08
CA ALA B 499 22.91 0.53 -1.21
C ALA B 499 23.41 -0.73 -0.53
N ARG B 500 24.72 -0.78 -0.28
CA ARG B 500 25.23 -1.90 0.47
C ARG B 500 24.56 -1.95 1.84
N ARG B 501 24.47 -3.17 2.38
CA ARG B 501 23.94 -3.31 3.73
C ARG B 501 24.73 -2.48 4.73
N ASP B 502 26.05 -2.39 4.55
CA ASP B 502 26.83 -1.61 5.51
C ASP B 502 26.79 -0.10 5.27
N GLN B 503 26.04 0.39 4.29
CA GLN B 503 25.87 1.82 4.08
C GLN B 503 24.65 2.40 4.78
N ILE B 504 23.83 1.57 5.41
CA ILE B 504 22.58 1.98 6.04
C ILE B 504 22.64 1.53 7.49
N LYS B 505 22.44 2.45 8.42
CA LYS B 505 22.41 2.14 9.85
C LYS B 505 21.10 2.65 10.42
N THR B 506 20.30 1.73 10.96
CA THR B 506 18.94 2.06 11.38
C THR B 506 18.84 1.95 12.89
N LYS B 507 17.91 2.71 13.47
CA LYS B 507 17.61 2.62 14.88
C LYS B 507 16.61 1.51 15.12
N LYS B 508 16.65 0.92 16.32
CA LYS B 508 15.64 -0.06 16.68
C LYS B 508 14.64 0.49 17.68
N ILE B 509 14.96 1.61 18.32
CA ILE B 509 14.12 2.30 19.28
C ILE B 509 14.18 3.78 18.93
N TRP B 510 13.05 4.47 19.12
CA TRP B 510 13.06 5.91 18.90
C TRP B 510 13.81 6.62 20.02
N ASP B 511 14.50 7.70 19.66
CA ASP B 511 14.97 8.64 20.66
C ASP B 511 13.80 9.47 21.15
N ARG B 512 13.88 9.90 22.41
CA ARG B 512 12.76 10.63 22.98
C ARG B 512 12.72 12.09 22.56
N ASN B 513 13.82 12.64 22.08
CA ASN B 513 13.83 14.01 21.58
C ASN B 513 13.74 14.06 20.06
N ASP B 514 13.38 12.96 19.40
CA ASP B 514 13.31 12.95 17.95
C ASP B 514 12.46 14.10 17.44
N PRO B 515 12.96 14.91 16.50
CA PRO B 515 12.13 16.00 15.96
C PRO B 515 10.82 15.52 15.32
N PHE B 516 10.72 14.26 14.88
CA PHE B 516 9.49 13.76 14.25
C PHE B 516 8.27 14.08 15.11
N PHE B 517 8.40 14.02 16.45
CA PHE B 517 7.26 14.31 17.33
C PHE B 517 7.58 15.37 18.37
N ALA B 518 8.65 16.14 18.17
CA ALA B 518 8.94 17.21 19.12
C ALA B 518 7.81 18.22 19.24
N PRO B 519 7.08 18.58 18.17
CA PRO B 519 5.93 19.49 18.38
C PRO B 519 4.90 18.91 19.33
N THR B 520 4.71 17.59 19.31
CA THR B 520 3.80 16.93 20.23
C THR B 520 4.32 17.00 21.67
N VAL B 521 5.62 16.78 21.88
CA VAL B 521 6.19 16.99 23.21
C VAL B 521 5.97 18.42 23.70
N GLU B 522 6.11 19.40 22.82
CA GLU B 522 5.87 20.77 23.25
C GLU B 522 4.42 20.98 23.67
N MET B 523 3.48 20.46 22.89
CA MET B 523 2.06 20.44 23.29
C MET B 523 1.90 19.87 24.69
N ALA B 524 2.43 18.67 24.90
CA ALA B 524 2.33 18.03 26.21
C ALA B 524 2.88 18.92 27.31
N LYS B 525 4.02 19.58 27.06
CA LYS B 525 4.61 20.47 28.07
C LYS B 525 3.65 21.60 28.41
N LYS B 526 3.00 22.18 27.42
CA LYS B 526 2.06 23.25 27.71
C LYS B 526 0.91 22.79 28.61
N ASP B 527 0.60 21.48 28.64
CA ASP B 527 -0.42 20.91 29.52
C ASP B 527 0.16 20.39 30.85
N GLY B 528 1.45 20.60 31.11
CA GLY B 528 2.04 20.05 32.32
C GLY B 528 2.28 18.55 32.27
N ILE B 529 2.35 17.98 31.07
CA ILE B 529 2.44 16.53 30.93
C ILE B 529 3.88 16.09 30.86
N ASN B 530 4.20 14.98 31.53
CA ASN B 530 5.43 14.23 31.29
C ASN B 530 5.05 12.95 30.54
N LEU B 531 5.41 12.88 29.26
CA LEU B 531 4.86 11.83 28.41
C LEU B 531 5.34 10.44 28.80
N ASP B 532 6.50 10.34 29.45
CA ASP B 532 7.04 9.03 29.80
C ASP B 532 6.27 8.35 30.92
N THR B 533 5.44 9.09 31.66
CA THR B 533 4.77 8.51 32.83
C THR B 533 3.28 8.80 32.89
N ASP B 534 2.78 9.85 32.27
CA ASP B 534 1.44 10.32 32.60
C ASP B 534 0.35 9.56 31.85
N ASN B 535 -0.76 9.33 32.56
CA ASN B 535 -2.01 8.85 32.00
C ASN B 535 -3.08 9.81 32.49
N LYS B 536 -3.35 10.84 31.70
CA LYS B 536 -4.18 11.96 32.11
C LYS B 536 -5.12 12.35 30.99
N VAL B 537 -6.29 12.86 31.37
CA VAL B 537 -7.24 13.44 30.43
C VAL B 537 -7.30 14.93 30.75
N ILE B 538 -6.87 15.75 29.80
CA ILE B 538 -6.83 17.19 29.94
C ILE B 538 -8.08 17.74 29.25
N ARG B 539 -8.84 18.57 29.94
CA ARG B 539 -10.01 19.18 29.32
C ARG B 539 -9.79 20.67 29.08
N ASP B 540 -10.24 21.14 27.91
CA ASP B 540 -9.99 22.52 27.50
C ASP B 540 -11.16 22.96 26.60
N GLY B 541 -12.22 23.45 27.23
CA GLY B 541 -13.38 23.84 26.43
C GLY B 541 -13.98 22.66 25.71
N ASN B 542 -14.13 22.77 24.39
CA ASN B 542 -14.60 21.64 23.60
C ASN B 542 -13.45 20.81 23.03
N LYS B 543 -12.24 20.95 23.59
CA LYS B 543 -11.12 20.07 23.24
C LYS B 543 -10.82 19.16 24.42
N VAL B 544 -10.50 17.91 24.13
CA VAL B 544 -10.07 16.97 25.16
C VAL B 544 -8.73 16.41 24.69
N ARG B 545 -7.71 16.53 25.53
CA ARG B 545 -6.39 16.00 25.18
C ARG B 545 -6.07 14.85 26.12
N VAL B 546 -6.12 13.64 25.60
CA VAL B 546 -5.86 12.43 26.37
C VAL B 546 -4.39 12.08 26.21
N TYR B 547 -3.67 11.90 27.32
CA TYR B 547 -2.29 11.43 27.26
C TYR B 547 -2.18 10.10 27.99
N MET B 548 -1.53 9.12 27.36
CA MET B 548 -1.38 7.85 28.02
C MET B 548 -0.07 7.19 27.58
N THR B 549 0.48 6.40 28.49
CA THR B 549 1.52 5.45 28.11
C THR B 549 0.86 4.14 27.66
N SER B 550 1.69 3.22 27.18
CA SER B 550 1.17 1.93 26.75
C SER B 550 2.26 0.91 26.97
N MET B 551 1.84 -0.28 27.39
CA MET B 551 2.75 -1.39 27.64
C MET B 551 1.88 -2.65 27.60
N ALA B 552 2.13 -3.53 26.62
CA ALA B 552 1.18 -4.61 26.36
C ALA B 552 0.93 -5.39 27.65
N PRO B 553 -0.28 -5.96 27.83
CA PRO B 553 -1.42 -5.75 26.93
C PRO B 553 -2.42 -4.70 27.48
N ALA B 554 -1.95 -3.53 27.89
CA ALA B 554 -2.81 -2.51 28.49
C ALA B 554 -2.49 -1.12 27.97
N PHE B 555 -3.54 -0.39 27.55
CA PHE B 555 -3.46 1.06 27.40
C PHE B 555 -3.40 1.71 28.77
N GLY B 556 -2.65 2.80 28.89
CA GLY B 556 -2.52 3.43 30.18
C GLY B 556 -3.76 4.18 30.61
N VAL B 557 -4.59 4.58 29.66
CA VAL B 557 -5.90 5.15 29.94
C VAL B 557 -6.91 4.21 29.28
N GLN B 558 -7.74 3.53 30.07
CA GLN B 558 -8.65 2.53 29.50
C GLN B 558 -10.06 3.04 29.30
N GLU B 559 -10.40 4.21 29.84
CA GLU B 559 -11.65 4.80 29.40
C GLU B 559 -11.62 6.27 29.70
N PHE B 560 -12.29 7.04 28.86
CA PHE B 560 -12.50 8.44 29.17
C PHE B 560 -13.85 8.85 28.64
N THR B 561 -14.38 9.94 29.18
CA THR B 561 -15.70 10.46 28.84
C THR B 561 -15.57 11.85 28.25
N VAL B 562 -16.30 12.10 27.15
CA VAL B 562 -16.29 13.41 26.48
C VAL B 562 -17.74 13.82 26.20
N LYS B 563 -17.92 15.05 25.72
CA LYS B 563 -19.19 15.55 25.22
C LYS B 563 -19.31 15.33 23.71
N GLN B 564 -20.52 15.03 23.26
CA GLN B 564 -20.73 14.92 21.82
C GLN B 564 -20.29 16.21 21.14
N GLY B 565 -19.45 16.06 20.10
CA GLY B 565 -18.95 17.20 19.36
C GLY B 565 -17.58 17.67 19.80
N ASP B 566 -17.08 17.19 20.93
CA ASP B 566 -15.74 17.52 21.40
C ASP B 566 -14.70 17.10 20.37
N GLU B 567 -13.64 17.88 20.25
CA GLU B 567 -12.50 17.50 19.43
C GLU B 567 -11.47 16.80 20.31
N VAL B 568 -11.28 15.51 20.08
CA VAL B 568 -10.48 14.65 20.93
C VAL B 568 -9.13 14.44 20.27
N THR B 569 -8.06 14.77 20.99
CA THR B 569 -6.71 14.39 20.62
C THR B 569 -6.24 13.30 21.57
N VAL B 570 -5.84 12.15 21.03
CA VAL B 570 -5.25 11.08 21.84
C VAL B 570 -3.75 10.99 21.54
N THR B 571 -2.94 11.12 22.58
CA THR B 571 -1.48 11.05 22.48
C THR B 571 -1.00 9.83 23.26
N ILE B 572 -0.22 8.96 22.60
CA ILE B 572 0.18 7.68 23.19
C ILE B 572 1.69 7.60 23.06
N THR B 573 2.36 7.23 24.16
CA THR B 573 3.80 6.97 24.17
C THR B 573 4.02 5.50 24.47
N ASN B 574 4.70 4.81 23.55
CA ASN B 574 5.03 3.40 23.74
C ASN B 574 6.26 3.38 24.63
N ILE B 575 6.10 2.89 25.87
CA ILE B 575 7.19 2.87 26.85
C ILE B 575 7.83 1.49 26.95
N ASP B 576 7.51 0.58 26.04
CA ASP B 576 8.22 -0.69 25.93
C ASP B 576 9.62 -0.44 25.40
N GLN B 577 10.55 -1.32 25.79
CA GLN B 577 11.94 -1.27 25.34
C GLN B 577 12.30 -2.39 24.38
N ILE B 578 11.46 -3.41 24.25
CA ILE B 578 11.77 -4.57 23.42
C ILE B 578 11.54 -4.22 21.96
N GLU B 579 12.60 -4.34 21.15
CA GLU B 579 12.52 -4.17 19.71
C GLU B 579 11.35 -4.96 19.14
N ASP B 580 10.76 -4.42 18.08
CA ASP B 580 9.72 -5.05 17.28
C ASP B 580 8.38 -5.10 18.00
N VAL B 581 8.26 -4.55 19.21
CA VAL B 581 6.98 -4.57 19.92
C VAL B 581 6.30 -3.21 19.69
N SER B 582 5.56 -3.15 18.60
CA SER B 582 4.80 -1.98 18.22
C SER B 582 3.36 -2.13 18.70
N TYR B 583 2.77 -1.02 19.14
CA TYR B 583 1.36 -0.93 19.47
C TYR B 583 0.65 -0.14 18.40
N GLY B 584 -0.67 -0.30 18.35
CA GLY B 584 -1.52 0.50 17.48
C GLY B 584 -2.63 1.12 18.31
N PHE B 585 -3.44 1.93 17.65
CA PHE B 585 -4.59 2.56 18.26
C PHE B 585 -5.60 2.80 17.14
N VAL B 586 -6.79 2.26 17.31
CA VAL B 586 -7.90 2.43 16.37
C VAL B 586 -9.14 2.78 17.18
N VAL B 587 -9.87 3.81 16.75
CA VAL B 587 -11.18 4.06 17.35
C VAL B 587 -12.21 3.54 16.38
N VAL B 588 -13.04 2.61 16.84
CA VAL B 588 -13.99 1.96 15.95
C VAL B 588 -14.97 2.97 15.36
N ASN B 589 -15.15 2.88 14.05
CA ASN B 589 -16.18 3.63 13.32
C ASN B 589 -15.94 5.12 13.38
N HIS B 590 -14.71 5.56 13.66
CA HIS B 590 -14.38 6.98 13.58
C HIS B 590 -13.29 7.28 12.56
N GLY B 591 -12.80 6.30 11.81
CA GLY B 591 -11.72 6.54 10.86
C GLY B 591 -10.38 6.93 11.48
N VAL B 592 -10.04 6.34 12.63
CA VAL B 592 -8.85 6.71 13.41
C VAL B 592 -7.95 5.49 13.55
N SER B 593 -6.66 5.62 13.15
CA SER B 593 -5.72 4.50 13.14
C SER B 593 -4.31 5.07 13.16
N MET B 594 -3.43 4.52 14.01
CA MET B 594 -2.03 4.94 13.99
C MET B 594 -1.14 3.90 14.67
N GLU B 595 0.15 3.98 14.36
CA GLU B 595 1.20 3.14 14.95
C GLU B 595 1.92 3.90 16.06
N ILE B 596 2.33 3.18 17.11
CA ILE B 596 3.25 3.69 18.12
C ILE B 596 4.32 2.64 18.38
N SER B 597 5.53 2.87 17.88
CA SER B 597 6.65 1.95 18.05
C SER B 597 7.43 2.25 19.32
N PRO B 598 8.36 1.37 19.70
CA PRO B 598 9.04 1.54 21.01
C PRO B 598 9.67 2.91 21.18
N GLN B 599 9.31 3.57 22.28
CA GLN B 599 9.78 4.90 22.67
C GLN B 599 9.27 6.02 21.78
N GLN B 600 8.35 5.73 20.87
CA GLN B 600 7.74 6.78 20.08
C GLN B 600 6.55 7.40 20.82
N THR B 601 6.30 8.69 20.58
CA THR B 601 5.04 9.33 20.89
C THR B 601 4.29 9.66 19.58
N SER B 602 3.01 9.27 19.50
CA SER B 602 2.14 9.57 18.36
C SER B 602 0.81 10.14 18.85
N SER B 603 0.18 10.98 18.05
CA SER B 603 -1.11 11.55 18.42
C SER B 603 -2.00 11.73 17.20
N ILE B 604 -3.29 11.78 17.46
CA ILE B 604 -4.28 11.86 16.40
C ILE B 604 -5.48 12.60 16.97
N THR B 605 -6.10 13.42 16.12
CA THR B 605 -7.24 14.24 16.50
C THR B 605 -8.47 13.89 15.67
N PHE B 606 -9.62 13.78 16.32
CA PHE B 606 -10.87 13.42 15.67
C PHE B 606 -12.02 14.01 16.47
N VAL B 607 -13.18 14.14 15.84
CA VAL B 607 -14.36 14.69 16.49
C VAL B 607 -15.22 13.55 16.98
N ALA B 608 -15.64 13.63 18.25
CA ALA B 608 -16.53 12.65 18.86
C ALA B 608 -17.95 13.05 18.50
N ASP B 609 -18.34 12.69 17.27
CA ASP B 609 -19.59 13.14 16.68
C ASP B 609 -20.74 12.18 16.94
N LYS B 610 -20.52 11.07 17.63
CA LYS B 610 -21.54 10.05 17.85
C LYS B 610 -21.68 9.79 19.34
N PRO B 611 -22.86 9.94 19.93
CA PRO B 611 -23.00 9.66 21.35
C PRO B 611 -22.89 8.16 21.57
N GLY B 612 -22.84 7.79 22.83
CA GLY B 612 -22.78 6.38 23.17
C GLY B 612 -21.37 5.95 23.46
N LEU B 613 -21.21 4.64 23.58
CA LEU B 613 -19.96 4.00 23.98
C LEU B 613 -19.23 3.59 22.72
N HIS B 614 -17.93 3.91 22.63
CA HIS B 614 -17.18 3.64 21.41
C HIS B 614 -15.84 3.01 21.76
N TRP B 615 -15.59 1.82 21.22
CA TRP B 615 -14.42 1.06 21.61
C TRP B 615 -13.20 1.55 20.86
N TYR B 616 -12.05 1.50 21.53
CA TYR B 616 -10.78 1.61 20.83
C TYR B 616 -9.93 0.39 21.15
N TYR B 617 -9.00 0.07 20.26
CA TYR B 617 -8.23 -1.15 20.47
C TYR B 617 -6.86 -1.01 19.86
N CYS B 618 -5.97 -1.91 20.26
CA CYS B 618 -4.61 -1.92 19.76
C CYS B 618 -4.58 -2.78 18.51
N SER B 619 -4.16 -2.19 17.38
CA SER B 619 -4.20 -2.90 16.10
C SER B 619 -2.99 -3.79 15.82
N TRP B 620 -1.84 -3.55 16.46
CA TRP B 620 -0.60 -4.27 16.14
CA TRP B 620 -0.62 -4.28 16.14
C TRP B 620 -0.48 -5.49 17.06
N PHE B 621 -0.57 -6.70 16.48
CA PHE B 621 -0.48 -7.91 17.29
C PHE B 621 0.80 -7.89 18.10
N CYS B 622 0.66 -7.82 19.44
CA CYS B 622 1.78 -7.44 20.29
C CYS B 622 2.03 -8.35 21.48
N HIS B 623 1.24 -9.41 21.66
CA HIS B 623 1.15 -10.10 22.94
C HIS B 623 0.12 -11.20 22.79
N ALA B 624 0.18 -12.22 23.65
CA ALA B 624 -0.85 -13.25 23.54
C ALA B 624 -2.22 -12.70 23.93
N LEU B 625 -2.24 -11.69 24.80
CA LEU B 625 -3.48 -11.02 25.16
C LEU B 625 -3.76 -9.79 24.29
N HIS B 626 -3.33 -9.81 23.02
CA HIS B 626 -3.54 -8.68 22.13
C HIS B 626 -5.03 -8.38 21.99
N MET B 627 -5.85 -9.42 21.78
CA MET B 627 -7.28 -9.19 21.55
C MET B 627 -7.90 -8.39 22.69
N GLU B 628 -7.29 -8.43 23.89
CA GLU B 628 -7.80 -7.80 25.10
C GLU B 628 -7.18 -6.43 25.42
N MET B 629 -6.38 -5.83 24.53
CA MET B 629 -5.78 -4.51 24.79
C MET B 629 -6.66 -3.41 24.18
N VAL B 630 -7.67 -3.00 24.94
CA VAL B 630 -8.78 -2.20 24.43
C VAL B 630 -9.11 -1.14 25.47
N GLY B 631 -9.98 -0.21 25.06
CA GLY B 631 -10.45 0.86 25.91
C GLY B 631 -11.78 1.36 25.42
N ARG B 632 -12.36 2.29 26.17
CA ARG B 632 -13.71 2.76 25.88
C ARG B 632 -13.81 4.26 26.00
N MET B 633 -14.29 4.89 24.93
CA MET B 633 -14.58 6.30 24.92
C MET B 633 -16.10 6.46 25.04
N MET B 634 -16.54 7.16 26.06
CA MET B 634 -17.97 7.35 26.28
C MET B 634 -18.35 8.77 25.92
N VAL B 635 -19.32 8.91 25.04
CA VAL B 635 -19.69 10.21 24.49
C VAL B 635 -21.09 10.55 24.99
N GLU B 636 -21.18 11.53 25.84
CA GLU B 636 -22.45 11.97 26.41
C GLU B 636 -23.24 12.77 25.37
N PRO B 637 -24.53 12.52 25.24
CA PRO B 637 -25.25 13.06 24.08
C PRO B 637 -25.40 14.57 24.20
N ALA B 638 -25.47 15.21 23.03
CA ALA B 638 -25.57 16.66 22.99
C ALA B 638 -26.83 17.17 23.67
N TRP B 639 -27.94 16.46 23.55
CA TRP B 639 -29.15 16.95 24.20
C TRP B 639 -29.04 16.94 25.73
N SER B 640 -27.98 16.37 26.31
CA SER B 640 -27.76 16.50 27.76
C SER B 640 -26.76 17.58 28.12
N HIS B 641 -26.19 18.28 27.13
CA HIS B 641 -25.21 19.34 27.32
C HIS B 641 -25.67 20.63 26.64
N PRO B 642 -25.11 21.79 27.04
CA PRO B 642 -25.67 23.07 26.56
C PRO B 642 -25.80 23.18 25.04
N GLN B 643 -26.57 24.18 24.60
CA GLN B 643 -26.91 24.38 23.19
C GLN B 643 -27.89 23.32 22.71
C1 B3P C . -10.51 14.98 -5.60
C2 B3P C . -11.53 13.94 -5.07
C3 B3P C . -9.52 15.36 -4.48
N1 B3P C . -10.23 16.28 -3.53
C4 B3P C . -9.49 16.48 -2.25
C5 B3P C . -8.04 16.82 -2.52
C6 B3P C . -10.12 17.65 -1.49
C7 B3P C . -9.54 15.23 -1.36
N2 B3P C . -12.42 14.63 -4.11
C8 B3P C . -13.34 13.73 -3.36
C9 B3P C . -14.40 13.10 -4.29
C10 B3P C . -13.98 14.64 -2.33
C11 B3P C . -12.59 12.57 -2.69
O1 B3P C . -14.95 14.13 -5.09
O2 B3P C . -14.95 13.96 -1.58
O3 B3P C . -11.60 13.03 -1.77
O4 B3P C . -8.00 18.06 -3.13
O5 B3P C . -11.51 17.45 -1.40
O6 B3P C . -9.08 14.11 -2.08
NA NA D . -23.16 -1.36 -0.15
CA CA E . -12.98 -15.27 29.04
K K F . 4.68 -7.21 13.52
C FMT G . -31.02 5.30 -23.22
O1 FMT G . -30.54 6.40 -23.53
O2 FMT G . -32.23 5.10 -23.06
C FMT H . 17.81 -16.66 12.81
O1 FMT H . 16.65 -16.88 13.16
O2 FMT H . 18.15 -15.69 12.14
C FMT I . -21.86 -18.85 -4.73
O1 FMT I . -22.12 -18.79 -5.94
O2 FMT I . -20.76 -19.14 -4.25
C FMT J . -7.72 -50.37 16.28
O1 FMT J . -7.65 -51.05 15.24
O2 FMT J . -6.91 -50.44 17.20
C FMT K . -39.74 -12.79 18.19
O1 FMT K . -39.55 -11.73 18.80
O2 FMT K . -39.59 -13.91 18.69
CL CL L . -10.04 -19.02 12.84
CL CL M . 1.46 -37.08 6.59
CU1 CUZ N . -5.83 -14.79 15.25
CU2 CUZ N . -7.99 -11.08 13.60
CU3 CUZ N . -7.62 -13.59 12.77
CU4 CUZ N . -5.44 -12.09 13.19
S1 CUZ N . -7.11 -12.74 14.73
CU1 CUA O . -0.97 7.42 -21.38
CU2 CUA O . 1.41 7.02 -20.33
C TRS P . -19.64 -34.49 5.73
C1 TRS P . -20.98 -33.83 5.39
C2 TRS P . -19.31 -34.28 7.21
C3 TRS P . -19.75 -36.00 5.47
N TRS P . -18.59 -33.87 4.89
O1 TRS P . -21.88 -33.98 6.46
O2 TRS P . -18.33 -35.21 7.65
O3 TRS P . -20.97 -36.26 4.83
C FMT Q . -2.81 29.24 -9.75
O1 FMT Q . -2.19 28.46 -9.02
O2 FMT Q . -3.48 30.19 -9.34
H FMT Q . -2.77 29.10 -10.84
HO2 FMT Q . -3.47 30.41 -8.39
C1 B3P R . -9.44 11.25 12.08
C2 B3P R . -10.53 10.82 11.03
C3 B3P R . -8.27 12.05 11.46
N1 B3P R . -8.81 13.40 11.21
C4 B3P R . -7.97 14.24 10.31
C5 B3P R . -7.31 13.42 9.17
C6 B3P R . -8.93 15.29 9.71
C7 B3P R . -6.90 14.90 11.17
N2 B3P R . -11.24 11.97 10.42
C8 B3P R . -11.97 11.69 9.13
C9 B3P R . -11.03 11.75 7.92
C10 B3P R . -13.04 12.77 8.98
C11 B3P R . -12.71 10.35 9.12
O1 B3P R . -9.88 10.98 8.17
O2 B3P R . -12.44 14.04 9.01
O3 B3P R . -13.50 10.33 10.29
O4 B3P R . -8.20 13.07 8.14
O5 B3P R . -8.26 16.41 9.16
O6 B3P R . -7.46 15.45 12.36
NA NA S . 8.08 21.48 5.01
CA CA T . 10.84 18.47 -28.67
K K U . 2.29 -1.23 -16.22
C FMT V . 7.05 15.03 28.14
O1 FMT V . 8.26 14.79 28.15
O2 FMT V . 6.56 16.13 27.84
C FMT W . -12.47 13.83 12.36
O1 FMT W . -13.12 13.15 13.16
O2 FMT W . -12.35 15.06 12.42
CL CL X . 17.52 9.83 -15.48
CU1 CUZ Y . 11.99 7.68 -17.34
CU2 CUZ Y . 9.40 9.83 -14.27
CU3 CUZ Y . 11.94 8.78 -14.27
CU4 CUZ Y . 9.73 7.13 -14.99
S1 CUZ Y . 10.56 9.07 -15.97
CU1 CUA Z . -1.20 -4.07 21.88
CU2 CUA Z . -1.76 -6.11 20.21
C FMT AA . 20.29 14.93 18.88
O1 FMT AA . 19.74 14.37 19.83
O2 FMT AA . 20.24 16.14 18.70
H FMT AA . 20.82 14.33 18.12
HO2 FMT AA . 19.66 16.70 19.26
C FMT BA . -2.48 -1.02 33.15
O1 FMT BA . -1.78 -1.97 33.51
O2 FMT BA . -2.19 0.15 33.42
H FMT BA . -3.42 -1.19 32.63
HO2 FMT BA . -1.42 0.35 34.01
C FMT CA . 1.50 -2.62 -26.69
O1 FMT CA . 1.81 -3.22 -25.66
O2 FMT CA . 1.24 -1.42 -26.70
H FMT CA . 1.44 -3.16 -27.63
HO2 FMT CA . 1.30 -0.89 -25.87
#